data_8J50
#
_entry.id   8J50
#
_cell.length_a   71.662
_cell.length_b   72.364
_cell.length_c   81.074
_cell.angle_alpha   101.741
_cell.angle_beta   104.955
_cell.angle_gamma   103.664
#
_symmetry.space_group_name_H-M   'P 1'
#
loop_
_entity.id
_entity.type
_entity.pdbx_description
1 polymer 'GH31 alpha-galactosidase'
2 non-polymer 1,2-ETHANEDIOL
3 non-polymer 'CHLORIDE ION'
4 water water
#
_entity_poly.entity_id   1
_entity_poly.type   'polypeptide(L)'
_entity_poly.pdbx_seq_one_letter_code
;MGSSHHHHHHSSGLVPRGSHMASQQARQQSLHIPLLKGECWWGAAVNRAHDMPLQPGAFIQLNGDVSGNQAVPLLLSSAG
RYVWSDQPFSVKREGDILSISFTGTGALYTASGGSLKDAWGEAAARFFPASGRLPDTSLFTAPQYNTWIELIYNQNQEDI
LRYARDIVANGFPPGVLMIDDNWFPYYGNFSFRKDRFPDAAGMISTLHGMGFKVMLWVCPFLSPDTEAFREALAKRIVLF
DSKGSDTLQWQHAVDPAIVHWWNGYSAVLDGSNPDAVTWMREKLDGLQQQYGIDGFKFDAGDAEFYLGNILSREKIGANE
QCERWGRIGLLYPMNEYRAMWKNGGQPLVERLRDKYHTWEDVRKLIPHASLAGLLGYSFVCPDMIGGGDFSSFLNNNKLD
QELIVRSAQCHALMPMMQFSVAPWRVLDSSQLQAVKNAVALRRQMLPEIMKYTREAAVTGMPVLRSMEFVFPHQGFERVE
DQFMLGDNYLVAPVLEKGSVRKIKLPKGRWQEIQSGKVYRGGETIELKVTLNTIPCFKRTT
;
_entity_poly.pdbx_strand_id   A,B
#
# COMPACT_ATOMS: atom_id res chain seq x y z
N GLN A 28 -28.16 -0.88 -29.76
CA GLN A 28 -28.16 -1.84 -28.61
C GLN A 28 -29.46 -2.65 -28.55
N GLN A 29 -29.38 -3.99 -28.69
CA GLN A 29 -30.56 -4.85 -28.82
C GLN A 29 -31.41 -4.87 -27.56
N SER A 30 -32.71 -5.09 -27.74
CA SER A 30 -33.66 -4.85 -26.68
C SER A 30 -34.99 -5.60 -26.89
N LEU A 31 -35.69 -5.72 -25.76
CA LEU A 31 -37.00 -6.35 -25.61
C LEU A 31 -37.91 -5.35 -24.90
N HIS A 32 -39.19 -5.33 -25.31
CA HIS A 32 -40.18 -4.49 -24.69
C HIS A 32 -41.45 -5.33 -24.54
N ILE A 33 -41.84 -5.50 -23.29
CA ILE A 33 -42.70 -6.59 -22.91
C ILE A 33 -43.89 -6.03 -22.15
N PRO A 34 -45.10 -6.06 -22.73
CA PRO A 34 -46.30 -5.72 -21.97
C PRO A 34 -46.51 -6.77 -20.89
N LEU A 35 -46.72 -6.30 -19.65
CA LEU A 35 -47.08 -7.21 -18.56
C LEU A 35 -48.43 -7.87 -18.86
N LEU A 36 -48.51 -9.15 -18.57
CA LEU A 36 -49.80 -9.82 -18.50
C LEU A 36 -50.56 -9.34 -17.26
N LYS A 37 -51.88 -9.58 -17.28
CA LYS A 37 -52.73 -9.13 -16.19
C LYS A 37 -52.29 -9.78 -14.88
N GLY A 38 -52.02 -8.98 -13.86
CA GLY A 38 -51.60 -9.47 -12.55
C GLY A 38 -50.14 -9.96 -12.52
N GLU A 39 -49.39 -9.86 -13.63
CA GLU A 39 -48.05 -10.37 -13.67
C GLU A 39 -47.08 -9.54 -12.80
N CYS A 40 -46.20 -10.25 -12.11
CA CYS A 40 -45.18 -9.68 -11.26
C CYS A 40 -43.83 -10.19 -11.71
N TRP A 41 -42.82 -9.30 -11.69
CA TRP A 41 -41.48 -9.63 -12.15
C TRP A 41 -40.45 -9.37 -11.03
N TRP A 42 -39.56 -10.37 -10.84
CA TRP A 42 -38.38 -10.24 -10.01
C TRP A 42 -37.11 -10.57 -10.82
N GLY A 43 -35.96 -10.12 -10.32
CA GLY A 43 -34.70 -10.59 -10.86
C GLY A 43 -33.55 -9.60 -10.71
N ALA A 44 -32.51 -9.84 -11.48
CA ALA A 44 -31.39 -8.91 -11.70
C ALA A 44 -30.46 -8.84 -10.50
N ALA A 45 -30.91 -8.35 -9.34
CA ALA A 45 -29.96 -8.02 -8.28
C ALA A 45 -30.55 -8.27 -6.91
N VAL A 46 -29.86 -9.12 -6.16
CA VAL A 46 -30.30 -9.54 -4.84
C VAL A 46 -30.59 -8.32 -3.97
N ASN A 47 -29.68 -7.35 -3.96
CA ASN A 47 -29.79 -6.22 -3.03
C ASN A 47 -30.83 -5.21 -3.49
N ARG A 48 -31.65 -5.53 -4.52
CA ARG A 48 -32.76 -4.64 -4.90
C ARG A 48 -34.09 -5.34 -4.67
N ALA A 49 -34.11 -6.45 -3.89
CA ALA A 49 -35.30 -7.28 -3.91
C ALA A 49 -36.43 -6.59 -3.20
N HIS A 50 -36.08 -5.69 -2.25
CA HIS A 50 -37.11 -4.97 -1.51
C HIS A 50 -37.83 -3.97 -2.40
N ASP A 51 -37.36 -3.76 -3.64
CA ASP A 51 -38.02 -2.88 -4.58
C ASP A 51 -38.83 -3.71 -5.57
N MET A 52 -38.93 -5.03 -5.36
CA MET A 52 -39.66 -5.86 -6.28
C MET A 52 -40.92 -6.34 -5.57
N PRO A 53 -41.92 -6.85 -6.31
CA PRO A 53 -41.92 -6.91 -7.77
C PRO A 53 -41.71 -5.58 -8.45
N LEU A 54 -41.09 -5.59 -9.63
CA LEU A 54 -40.71 -4.37 -10.32
C LEU A 54 -41.97 -3.54 -10.58
N GLN A 55 -41.92 -2.29 -10.09
CA GLN A 55 -42.99 -1.32 -10.12
C GLN A 55 -42.79 -0.35 -11.29
N PRO A 56 -43.86 0.36 -11.75
CA PRO A 56 -43.66 1.48 -12.67
C PRO A 56 -42.61 2.43 -12.12
N GLY A 57 -41.66 2.79 -13.00
CA GLY A 57 -40.59 3.72 -12.65
C GLY A 57 -39.31 2.98 -12.27
N ALA A 58 -39.37 1.64 -12.15
CA ALA A 58 -38.18 0.90 -11.71
C ALA A 58 -37.08 0.97 -12.76
N PHE A 59 -35.80 1.07 -12.29
CA PHE A 59 -34.64 0.98 -13.16
C PHE A 59 -33.55 0.21 -12.43
N ILE A 60 -32.95 -0.75 -13.13
CA ILE A 60 -31.76 -1.46 -12.66
C ILE A 60 -30.78 -1.58 -13.83
N GLN A 61 -29.55 -1.12 -13.54
CA GLN A 61 -28.42 -1.27 -14.43
C GLN A 61 -27.54 -2.39 -13.84
N LEU A 62 -27.31 -3.45 -14.63
CA LEU A 62 -26.38 -4.51 -14.23
C LEU A 62 -24.98 -4.28 -14.80
N ASN A 63 -24.86 -3.49 -15.88
CA ASN A 63 -23.57 -3.41 -16.55
C ASN A 63 -22.65 -2.58 -15.66
N GLY A 64 -21.61 -3.25 -15.16
CA GLY A 64 -20.67 -2.60 -14.26
C GLY A 64 -21.23 -2.41 -12.86
N ASP A 65 -22.32 -3.09 -12.53
CA ASP A 65 -22.96 -2.83 -11.25
C ASP A 65 -23.68 -4.09 -10.73
N VAL A 66 -23.17 -4.61 -9.61
CA VAL A 66 -23.81 -5.74 -8.93
C VAL A 66 -24.54 -5.27 -7.65
N SER A 67 -24.73 -3.96 -7.49
CA SER A 67 -25.53 -3.39 -6.42
C SER A 67 -25.07 -3.88 -5.04
N GLY A 68 -23.75 -3.91 -4.83
CA GLY A 68 -23.22 -4.28 -3.53
C GLY A 68 -23.36 -5.77 -3.16
N ASN A 69 -23.78 -6.64 -4.07
CA ASN A 69 -24.08 -8.04 -3.69
C ASN A 69 -24.11 -8.89 -4.95
N GLN A 70 -25.00 -9.90 -5.01
CA GLN A 70 -25.00 -10.75 -6.18
C GLN A 70 -25.97 -10.26 -7.25
N ALA A 71 -25.61 -10.48 -8.54
CA ALA A 71 -26.45 -10.09 -9.65
C ALA A 71 -26.35 -11.11 -10.77
N VAL A 72 -27.45 -11.27 -11.49
CA VAL A 72 -27.55 -12.26 -12.53
C VAL A 72 -28.38 -11.68 -13.67
N PRO A 73 -28.06 -11.92 -14.96
CA PRO A 73 -28.87 -11.41 -16.07
C PRO A 73 -30.15 -12.19 -16.36
N LEU A 74 -31.01 -12.21 -15.35
CA LEU A 74 -32.22 -13.04 -15.35
C LEU A 74 -33.39 -12.24 -14.77
N LEU A 75 -34.56 -12.37 -15.41
CA LEU A 75 -35.81 -11.90 -14.80
C LEU A 75 -36.82 -13.05 -14.83
N LEU A 76 -37.64 -13.16 -13.77
CA LEU A 76 -38.64 -14.22 -13.71
C LEU A 76 -40.00 -13.63 -13.38
N SER A 77 -41.09 -14.22 -13.92
CA SER A 77 -42.42 -13.69 -13.68
C SER A 77 -43.34 -14.71 -13.03
N SER A 78 -44.34 -14.14 -12.33
CA SER A 78 -45.37 -14.94 -11.67
C SER A 78 -46.26 -15.68 -12.67
N ALA A 79 -46.12 -15.37 -13.97
CA ALA A 79 -46.89 -16.06 -15.01
C ALA A 79 -46.06 -17.11 -15.76
N GLY A 80 -44.88 -17.44 -15.25
CA GLY A 80 -44.03 -18.45 -15.87
C GLY A 80 -43.16 -17.90 -17.00
N ARG A 81 -43.04 -16.57 -17.13
CA ARG A 81 -42.19 -16.01 -18.17
C ARG A 81 -40.80 -15.73 -17.56
N TYR A 82 -39.80 -15.65 -18.45
CA TYR A 82 -38.46 -15.35 -18.00
C TYR A 82 -37.68 -14.73 -19.13
N VAL A 83 -36.69 -13.91 -18.70
CA VAL A 83 -35.76 -13.28 -19.62
C VAL A 83 -34.34 -13.63 -19.19
N TRP A 84 -33.49 -13.94 -20.17
CA TRP A 84 -32.08 -14.21 -19.93
C TRP A 84 -31.21 -13.60 -21.01
N SER A 85 -29.99 -13.20 -20.60
CA SER A 85 -28.91 -12.96 -21.52
C SER A 85 -27.65 -13.54 -20.90
N ASP A 86 -26.68 -13.95 -21.71
CA ASP A 86 -25.36 -14.33 -21.20
C ASP A 86 -24.65 -13.11 -20.60
N GLN A 87 -25.08 -11.88 -20.99
CA GLN A 87 -24.31 -10.67 -20.78
C GLN A 87 -25.11 -9.65 -20.00
N PRO A 88 -24.50 -8.62 -19.40
CA PRO A 88 -25.26 -7.64 -18.63
C PRO A 88 -26.30 -6.87 -19.45
N PHE A 89 -27.29 -6.35 -18.74
CA PHE A 89 -28.33 -5.52 -19.34
C PHE A 89 -28.81 -4.48 -18.34
N SER A 90 -29.69 -3.61 -18.81
CA SER A 90 -30.47 -2.75 -17.95
C SER A 90 -31.95 -3.03 -18.19
N VAL A 91 -32.71 -2.85 -17.10
CA VAL A 91 -34.13 -3.10 -17.14
C VAL A 91 -34.88 -1.89 -16.57
N LYS A 92 -35.98 -1.56 -17.21
CA LYS A 92 -36.89 -0.50 -16.82
C LYS A 92 -38.34 -1.01 -16.86
N ARG A 93 -39.15 -0.62 -15.88
CA ARG A 93 -40.59 -0.69 -16.07
C ARG A 93 -41.19 0.73 -16.22
N GLU A 94 -41.81 0.97 -17.38
CA GLU A 94 -42.57 2.18 -17.62
C GLU A 94 -44.02 1.80 -17.91
N GLY A 95 -44.90 2.35 -17.11
CA GLY A 95 -46.27 1.87 -17.07
C GLY A 95 -46.28 0.35 -16.82
N ASP A 96 -46.88 -0.38 -17.77
CA ASP A 96 -47.00 -1.82 -17.75
C ASP A 96 -46.05 -2.45 -18.76
N ILE A 97 -45.00 -1.73 -19.18
CA ILE A 97 -44.04 -2.23 -20.15
C ILE A 97 -42.69 -2.44 -19.45
N LEU A 98 -42.22 -3.68 -19.50
CA LEU A 98 -40.90 -4.05 -19.07
C LEU A 98 -39.96 -4.00 -20.28
N SER A 99 -38.96 -3.10 -20.19
CA SER A 99 -37.98 -2.91 -21.25
C SER A 99 -36.58 -3.33 -20.79
N ILE A 100 -35.90 -4.11 -21.62
CA ILE A 100 -34.57 -4.56 -21.32
C ILE A 100 -33.67 -4.15 -22.50
N SER A 101 -32.53 -3.53 -22.14
CA SER A 101 -31.52 -3.13 -23.10
C SER A 101 -30.25 -3.95 -22.85
N PHE A 102 -29.82 -4.76 -23.85
CA PHE A 102 -28.78 -5.77 -23.67
C PHE A 102 -27.43 -5.26 -24.15
N THR A 103 -26.34 -5.57 -23.42
CA THR A 103 -25.03 -5.31 -23.99
C THR A 103 -24.75 -6.30 -25.09
N GLY A 104 -25.36 -7.51 -25.01
CA GLY A 104 -25.24 -8.49 -26.07
C GLY A 104 -26.60 -8.76 -26.68
N THR A 105 -27.10 -9.99 -26.49
CA THR A 105 -28.42 -10.38 -26.95
C THR A 105 -29.14 -11.18 -25.85
N GLY A 106 -30.47 -11.18 -25.93
CA GLY A 106 -31.30 -11.86 -24.96
C GLY A 106 -32.66 -12.19 -25.56
N ALA A 107 -33.52 -12.79 -24.74
CA ALA A 107 -34.79 -13.30 -25.21
C ALA A 107 -35.73 -13.49 -24.04
N LEU A 108 -37.00 -13.46 -24.41
CA LEU A 108 -38.12 -13.80 -23.57
C LEU A 108 -38.53 -15.25 -23.86
N TYR A 109 -38.94 -15.90 -22.78
CA TYR A 109 -39.34 -17.30 -22.79
C TYR A 109 -40.60 -17.41 -21.92
N THR A 110 -41.41 -18.46 -22.20
CA THR A 110 -42.54 -18.84 -21.36
C THR A 110 -42.48 -20.33 -21.04
N ALA A 111 -42.64 -20.62 -19.72
CA ALA A 111 -42.83 -21.99 -19.24
C ALA A 111 -44.32 -22.28 -19.24
N SER A 112 -44.69 -23.45 -19.78
CA SER A 112 -46.08 -23.74 -20.02
C SER A 112 -46.83 -23.89 -18.71
N GLY A 113 -46.17 -24.24 -17.60
CA GLY A 113 -46.93 -24.39 -16.34
C GLY A 113 -47.47 -23.06 -15.81
N GLY A 114 -46.87 -21.93 -16.17
CA GLY A 114 -47.52 -20.64 -15.93
C GLY A 114 -47.32 -20.06 -14.52
N SER A 115 -46.31 -20.57 -13.77
CA SER A 115 -46.01 -20.06 -12.42
C SER A 115 -44.53 -19.71 -12.29
N LEU A 116 -44.20 -19.01 -11.19
CA LEU A 116 -42.84 -18.56 -10.91
C LEU A 116 -41.89 -19.75 -10.83
N LYS A 117 -42.35 -20.78 -10.13
CA LYS A 117 -41.62 -22.02 -10.01
C LYS A 117 -41.32 -22.63 -11.39
N ASP A 118 -42.22 -22.53 -12.34
CA ASP A 118 -41.94 -23.06 -13.68
C ASP A 118 -40.88 -22.23 -14.38
N ALA A 119 -40.99 -20.88 -14.26
CA ALA A 119 -40.03 -19.98 -14.88
C ALA A 119 -38.62 -20.24 -14.33
N TRP A 120 -38.53 -20.37 -13.00
CA TRP A 120 -37.28 -20.67 -12.29
C TRP A 120 -36.66 -21.97 -12.81
N GLY A 121 -37.49 -23.03 -12.78
CA GLY A 121 -37.02 -24.34 -13.16
C GLY A 121 -36.54 -24.39 -14.60
N GLU A 122 -37.24 -23.76 -15.52
CA GLU A 122 -36.82 -23.82 -16.91
C GLU A 122 -35.55 -22.97 -17.11
N ALA A 123 -35.47 -21.84 -16.40
CA ALA A 123 -34.37 -20.92 -16.62
C ALA A 123 -33.09 -21.56 -16.09
N ALA A 124 -33.20 -22.11 -14.87
CA ALA A 124 -32.09 -22.79 -14.23
C ALA A 124 -31.57 -23.93 -15.11
N ALA A 125 -32.46 -24.78 -15.60
CA ALA A 125 -32.03 -25.91 -16.41
C ALA A 125 -31.40 -25.46 -17.74
N ARG A 126 -31.80 -24.30 -18.29
CA ARG A 126 -31.21 -23.84 -19.54
C ARG A 126 -29.89 -23.10 -19.30
N PHE A 127 -29.78 -22.34 -18.19
CA PHE A 127 -28.78 -21.28 -18.12
C PHE A 127 -27.87 -21.35 -16.90
N PHE A 128 -28.31 -22.00 -15.81
CA PHE A 128 -27.47 -22.18 -14.64
C PHE A 128 -27.76 -23.53 -13.94
N PRO A 129 -27.65 -24.65 -14.67
CA PRO A 129 -27.94 -25.95 -14.09
C PRO A 129 -27.13 -26.27 -12.83
N ALA A 130 -27.77 -26.93 -11.86
CA ALA A 130 -27.14 -27.22 -10.60
C ALA A 130 -25.90 -28.10 -10.79
N SER A 131 -24.82 -27.80 -10.05
CA SER A 131 -23.54 -28.46 -10.29
C SER A 131 -23.51 -29.89 -9.76
N GLY A 132 -24.41 -30.21 -8.82
CA GLY A 132 -24.34 -31.47 -8.09
C GLY A 132 -23.60 -31.35 -6.76
N ARG A 133 -22.98 -30.19 -6.50
CA ARG A 133 -22.10 -30.09 -5.35
C ARG A 133 -22.62 -29.16 -4.27
N LEU A 134 -22.16 -29.40 -3.05
CA LEU A 134 -22.48 -28.61 -1.86
C LEU A 134 -21.23 -27.85 -1.42
N PRO A 135 -21.34 -26.64 -0.83
CA PRO A 135 -20.24 -26.11 -0.02
C PRO A 135 -20.06 -26.99 1.20
N ASP A 136 -18.91 -26.81 1.84
CA ASP A 136 -18.56 -27.51 3.06
C ASP A 136 -19.71 -27.52 4.07
N THR A 137 -20.14 -28.72 4.49
CA THR A 137 -21.38 -28.86 5.24
C THR A 137 -21.27 -28.22 6.61
N SER A 138 -20.04 -27.98 7.10
CA SER A 138 -19.82 -27.35 8.40
C SER A 138 -20.38 -25.93 8.39
N LEU A 139 -20.49 -25.31 7.20
CA LEU A 139 -21.10 -23.99 7.12
C LEU A 139 -22.59 -24.02 7.45
N PHE A 140 -23.24 -25.19 7.36
CA PHE A 140 -24.68 -25.36 7.60
C PHE A 140 -24.97 -26.05 8.93
N THR A 141 -24.09 -26.97 9.39
CA THR A 141 -24.47 -27.86 10.48
C THR A 141 -24.20 -27.23 11.84
N ALA A 142 -23.78 -25.97 11.84
CA ALA A 142 -23.73 -25.16 13.04
C ALA A 142 -23.84 -23.71 12.64
N PRO A 143 -24.24 -22.84 13.58
CA PRO A 143 -24.13 -21.39 13.41
C PRO A 143 -22.70 -21.02 13.03
N GLN A 144 -22.59 -19.99 12.21
CA GLN A 144 -21.34 -19.33 11.87
C GLN A 144 -21.11 -18.11 12.78
N TYR A 145 -19.83 -17.78 12.99
CA TYR A 145 -19.46 -16.61 13.77
C TYR A 145 -18.37 -15.86 13.01
N ASN A 146 -18.42 -14.53 13.08
CA ASN A 146 -17.46 -13.71 12.34
C ASN A 146 -16.94 -12.62 13.30
N THR A 147 -15.60 -12.44 13.34
CA THR A 147 -14.96 -11.61 14.35
C THR A 147 -15.12 -10.11 14.09
N TRP A 148 -15.79 -9.77 12.99
CA TRP A 148 -15.79 -8.40 12.53
C TRP A 148 -16.37 -7.43 13.56
N ILE A 149 -17.57 -7.70 14.09
CA ILE A 149 -18.22 -6.64 14.86
C ILE A 149 -17.52 -6.49 16.22
N GLU A 150 -17.09 -7.61 16.82
CA GLU A 150 -16.49 -7.53 18.15
C GLU A 150 -15.04 -7.03 18.08
N LEU A 151 -14.29 -7.33 17.00
CA LEU A 151 -12.88 -6.98 17.01
C LEU A 151 -12.57 -5.88 16.01
N ILE A 152 -13.44 -5.68 15.01
CA ILE A 152 -13.27 -4.69 13.97
C ILE A 152 -11.90 -4.89 13.32
N TYR A 153 -11.04 -3.86 13.28
CA TYR A 153 -9.75 -3.94 12.58
C TYR A 153 -8.64 -4.50 13.48
N ASN A 154 -8.91 -4.66 14.80
CA ASN A 154 -8.00 -5.21 15.75
C ASN A 154 -8.19 -6.72 15.81
N GLN A 155 -7.82 -7.40 14.70
CA GLN A 155 -7.79 -8.85 14.64
C GLN A 155 -6.47 -9.33 15.23
N ASN A 156 -6.54 -10.08 16.33
CA ASN A 156 -5.35 -10.53 17.02
C ASN A 156 -5.64 -11.86 17.71
N GLN A 157 -4.58 -12.63 17.90
CA GLN A 157 -4.68 -13.99 18.40
C GLN A 157 -5.39 -14.06 19.77
N GLU A 158 -4.97 -13.24 20.73
CA GLU A 158 -5.57 -13.28 22.04
C GLU A 158 -7.08 -13.03 21.95
N ASP A 159 -7.53 -12.01 21.22
CA ASP A 159 -8.92 -11.61 21.26
C ASP A 159 -9.79 -12.62 20.47
N ILE A 160 -9.25 -13.21 19.39
CA ILE A 160 -9.94 -14.22 18.61
C ILE A 160 -10.20 -15.45 19.49
N LEU A 161 -9.16 -15.91 20.19
CA LEU A 161 -9.31 -17.04 21.11
C LEU A 161 -10.29 -16.69 22.23
N ARG A 162 -10.29 -15.44 22.71
CA ARG A 162 -11.23 -15.09 23.77
C ARG A 162 -12.69 -15.12 23.30
N TYR A 163 -12.91 -14.66 22.06
CA TYR A 163 -14.25 -14.71 21.49
C TYR A 163 -14.67 -16.17 21.34
N ALA A 164 -13.76 -17.03 20.83
CA ALA A 164 -14.11 -18.45 20.72
C ALA A 164 -14.43 -19.06 22.08
N ARG A 165 -13.66 -18.70 23.11
CA ARG A 165 -13.95 -19.20 24.44
C ARG A 165 -15.28 -18.69 24.98
N ASP A 166 -15.58 -17.41 24.73
CA ASP A 166 -16.84 -16.80 25.14
C ASP A 166 -18.04 -17.51 24.49
N ILE A 167 -17.92 -17.83 23.21
CA ILE A 167 -18.98 -18.56 22.53
C ILE A 167 -19.32 -19.82 23.34
N VAL A 168 -18.29 -20.64 23.60
CA VAL A 168 -18.48 -21.91 24.30
C VAL A 168 -18.94 -21.64 25.73
N ALA A 169 -18.36 -20.70 26.43
CA ALA A 169 -18.73 -20.52 27.84
C ALA A 169 -20.15 -20.02 27.97
N ASN A 170 -20.70 -19.35 26.95
CA ASN A 170 -22.10 -18.95 27.05
C ASN A 170 -23.05 -20.00 26.49
N GLY A 171 -22.55 -21.22 26.24
CA GLY A 171 -23.46 -22.28 25.84
C GLY A 171 -23.78 -22.24 24.35
N PHE A 172 -23.06 -21.47 23.54
CA PHE A 172 -23.34 -21.49 22.11
C PHE A 172 -22.52 -22.60 21.48
N PRO A 173 -23.00 -23.20 20.38
CA PRO A 173 -22.28 -24.27 19.72
C PRO A 173 -21.09 -23.78 18.91
N PRO A 174 -19.97 -24.52 18.97
CA PRO A 174 -18.85 -24.30 18.08
C PRO A 174 -19.30 -24.39 16.63
N GLY A 175 -18.77 -23.54 15.73
CA GLY A 175 -19.12 -23.61 14.32
C GLY A 175 -17.97 -23.10 13.45
N VAL A 176 -18.26 -22.70 12.21
CA VAL A 176 -17.26 -22.00 11.43
C VAL A 176 -17.05 -20.60 12.02
N LEU A 177 -15.77 -20.27 12.34
CA LEU A 177 -15.34 -18.96 12.77
C LEU A 177 -14.57 -18.27 11.65
N MET A 178 -15.05 -17.08 11.27
CA MET A 178 -14.43 -16.28 10.21
C MET A 178 -13.63 -15.14 10.83
N ILE A 179 -12.35 -15.14 10.54
CA ILE A 179 -11.51 -14.04 10.98
C ILE A 179 -11.55 -13.03 9.84
N ASP A 180 -12.06 -11.81 10.16
CA ASP A 180 -12.36 -10.86 9.10
C ASP A 180 -11.13 -9.98 8.78
N ASP A 181 -11.37 -8.87 8.09
CA ASP A 181 -10.29 -8.07 7.51
C ASP A 181 -9.24 -7.68 8.58
N ASN A 182 -7.96 -7.73 8.17
CA ASN A 182 -6.80 -7.08 8.81
C ASN A 182 -5.98 -8.05 9.68
N TRP A 183 -6.00 -9.34 9.33
CA TRP A 183 -5.21 -10.34 10.03
C TRP A 183 -3.78 -10.39 9.47
N PHE A 184 -3.54 -9.64 8.39
CA PHE A 184 -2.31 -9.71 7.59
C PHE A 184 -1.62 -8.34 7.59
N PRO A 185 -0.31 -8.28 7.24
CA PRO A 185 0.43 -7.01 7.30
C PRO A 185 -0.08 -5.93 6.37
N TYR A 186 -0.49 -6.35 5.14
CA TYR A 186 -0.98 -5.46 4.11
C TYR A 186 -1.70 -6.26 3.01
N TYR A 187 -2.51 -5.58 2.18
CA TYR A 187 -3.31 -6.23 1.17
C TYR A 187 -2.41 -6.82 0.11
N GLY A 188 -2.50 -8.16 -0.04
CA GLY A 188 -1.69 -8.89 -0.99
C GLY A 188 -0.56 -9.69 -0.32
N ASN A 189 -0.36 -9.48 0.99
CA ASN A 189 0.51 -10.29 1.80
C ASN A 189 -0.35 -11.32 2.54
N PHE A 190 -0.29 -12.57 2.08
CA PHE A 190 -1.13 -13.62 2.64
C PHE A 190 -0.38 -14.33 3.77
N SER A 191 -0.25 -13.67 4.93
CA SER A 191 0.41 -14.26 6.06
C SER A 191 -0.17 -13.59 7.27
N PHE A 192 -0.11 -14.23 8.44
CA PHE A 192 -0.57 -13.57 9.65
C PHE A 192 0.48 -12.55 10.07
N ARG A 193 0.02 -11.36 10.51
CA ARG A 193 0.94 -10.37 11.06
C ARG A 193 1.43 -10.88 12.42
N LYS A 194 2.78 -11.10 12.55
CA LYS A 194 3.33 -11.69 13.75
C LYS A 194 3.20 -10.74 14.94
N ASP A 195 2.97 -9.43 14.71
CA ASP A 195 2.82 -8.52 15.85
C ASP A 195 1.57 -8.92 16.64
N ARG A 196 0.47 -9.27 15.97
CA ARG A 196 -0.75 -9.59 16.69
C ARG A 196 -1.02 -11.10 16.73
N PHE A 197 -0.28 -11.90 15.96
CA PHE A 197 -0.37 -13.37 15.95
C PHE A 197 1.01 -14.00 16.20
N PRO A 198 1.43 -14.12 17.48
CA PRO A 198 2.71 -14.73 17.81
C PRO A 198 2.79 -16.23 17.45
N ASP A 199 1.64 -16.94 17.45
CA ASP A 199 1.64 -18.35 17.05
C ASP A 199 0.29 -18.68 16.40
N ALA A 200 0.17 -18.32 15.11
CA ALA A 200 -1.09 -18.47 14.40
C ALA A 200 -1.46 -19.94 14.21
N ALA A 201 -0.47 -20.79 13.89
CA ALA A 201 -0.69 -22.21 13.73
C ALA A 201 -1.24 -22.84 15.02
N GLY A 202 -0.68 -22.44 16.16
CA GLY A 202 -1.12 -22.88 17.50
C GLY A 202 -2.55 -22.44 17.81
N MET A 203 -2.86 -21.19 17.46
CA MET A 203 -4.20 -20.66 17.60
C MET A 203 -5.18 -21.49 16.77
N ILE A 204 -4.88 -21.79 15.51
CA ILE A 204 -5.80 -22.58 14.70
C ILE A 204 -6.02 -23.96 15.32
N SER A 205 -4.92 -24.60 15.76
CA SER A 205 -4.93 -25.91 16.36
C SER A 205 -5.81 -25.86 17.62
N THR A 206 -5.69 -24.78 18.39
CA THR A 206 -6.56 -24.63 19.56
C THR A 206 -8.03 -24.52 19.14
N LEU A 207 -8.29 -23.72 18.12
CA LEU A 207 -9.67 -23.49 17.69
C LEU A 207 -10.28 -24.78 17.17
N HIS A 208 -9.49 -25.54 16.41
CA HIS A 208 -9.92 -26.85 15.95
C HIS A 208 -10.28 -27.78 17.11
N GLY A 209 -9.51 -27.76 18.18
CA GLY A 209 -9.76 -28.62 19.32
C GLY A 209 -11.01 -28.21 20.07
N MET A 210 -11.40 -26.95 19.95
CA MET A 210 -12.61 -26.46 20.58
C MET A 210 -13.83 -26.77 19.70
N GLY A 211 -13.62 -27.33 18.48
CA GLY A 211 -14.70 -27.75 17.60
C GLY A 211 -15.03 -26.73 16.52
N PHE A 212 -14.21 -25.67 16.39
CA PHE A 212 -14.37 -24.68 15.32
C PHE A 212 -13.60 -25.08 14.07
N LYS A 213 -14.09 -24.66 12.93
CA LYS A 213 -13.28 -24.52 11.72
C LYS A 213 -13.04 -23.02 11.50
N VAL A 214 -12.02 -22.69 10.70
CA VAL A 214 -11.58 -21.32 10.58
C VAL A 214 -11.43 -20.93 9.11
N MET A 215 -12.01 -19.75 8.83
CA MET A 215 -11.92 -19.10 7.54
C MET A 215 -11.18 -17.76 7.72
N LEU A 216 -10.46 -17.36 6.65
CA LEU A 216 -9.83 -16.05 6.57
C LEU A 216 -10.47 -15.19 5.50
N TRP A 217 -10.68 -13.88 5.82
CA TRP A 217 -11.02 -12.86 4.85
C TRP A 217 -9.88 -12.67 3.84
N VAL A 218 -10.20 -12.66 2.54
CA VAL A 218 -9.24 -12.35 1.50
C VAL A 218 -9.87 -11.41 0.50
N CYS A 219 -9.00 -10.73 -0.30
CA CYS A 219 -9.52 -9.95 -1.42
C CYS A 219 -8.52 -9.95 -2.57
N PRO A 220 -8.85 -9.38 -3.73
CA PRO A 220 -7.89 -9.34 -4.83
C PRO A 220 -7.10 -8.02 -4.95
N PHE A 221 -7.12 -7.21 -3.90
CA PHE A 221 -6.41 -5.93 -3.93
C PHE A 221 -4.97 -6.09 -3.40
N LEU A 222 -4.04 -5.24 -3.91
CA LEU A 222 -2.63 -5.30 -3.54
C LEU A 222 -2.19 -3.89 -3.16
N SER A 223 -1.70 -3.72 -1.94
CA SER A 223 -1.07 -2.49 -1.51
CA SER A 223 -1.11 -2.46 -1.54
C SER A 223 -0.02 -2.10 -2.55
N PRO A 224 -0.17 -0.94 -3.22
CA PRO A 224 0.54 -0.70 -4.50
C PRO A 224 1.93 -0.11 -4.42
N ASP A 225 2.58 -0.22 -3.24
CA ASP A 225 3.98 0.17 -3.11
C ASP A 225 4.80 -0.91 -2.39
N THR A 226 4.25 -2.13 -2.36
CA THR A 226 4.86 -3.22 -1.59
C THR A 226 5.52 -4.26 -2.51
N GLU A 227 6.25 -5.12 -1.84
CA GLU A 227 6.89 -6.30 -2.38
C GLU A 227 5.88 -7.16 -3.15
N ALA A 228 4.76 -7.44 -2.53
CA ALA A 228 3.76 -8.28 -3.20
C ALA A 228 3.31 -7.62 -4.50
N PHE A 229 3.08 -6.27 -4.46
CA PHE A 229 2.68 -5.52 -5.62
C PHE A 229 3.70 -5.64 -6.74
N ARG A 230 4.97 -5.42 -6.40
CA ARG A 230 6.04 -5.43 -7.39
C ARG A 230 6.21 -6.84 -7.98
N GLU A 231 6.04 -7.88 -7.15
CA GLU A 231 6.03 -9.26 -7.69
C GLU A 231 4.87 -9.45 -8.68
N ALA A 232 3.68 -8.98 -8.32
CA ALA A 232 2.51 -9.20 -9.17
C ALA A 232 2.65 -8.41 -10.45
N LEU A 233 3.29 -7.22 -10.32
CA LEU A 233 3.52 -6.40 -11.50
C LEU A 233 4.49 -7.08 -12.44
N ALA A 234 5.56 -7.66 -11.90
CA ALA A 234 6.57 -8.30 -12.70
C ALA A 234 5.94 -9.50 -13.40
N LYS A 235 5.07 -10.22 -12.71
CA LYS A 235 4.42 -11.39 -13.30
C LYS A 235 3.26 -11.03 -14.25
N ARG A 236 2.91 -9.73 -14.28
CA ARG A 236 1.87 -9.17 -15.13
C ARG A 236 0.52 -9.80 -14.80
N ILE A 237 0.25 -10.07 -13.53
CA ILE A 237 -1.04 -10.62 -13.16
C ILE A 237 -2.01 -9.53 -12.71
N VAL A 238 -1.55 -8.27 -12.61
CA VAL A 238 -2.43 -7.17 -12.27
C VAL A 238 -3.23 -6.71 -13.49
N LEU A 239 -4.28 -5.98 -13.20
CA LEU A 239 -4.95 -5.19 -14.22
C LEU A 239 -4.09 -3.98 -14.54
N PHE A 240 -4.01 -3.69 -15.84
CA PHE A 240 -3.19 -2.61 -16.32
C PHE A 240 -4.01 -1.35 -16.63
N ASP A 241 -3.32 -0.22 -16.64
CA ASP A 241 -3.91 1.08 -16.91
C ASP A 241 -3.83 1.33 -18.41
N SER A 242 -4.98 1.62 -19.02
CA SER A 242 -5.09 1.82 -20.46
C SER A 242 -4.63 3.21 -20.85
N LYS A 243 -4.49 4.09 -19.85
CA LYS A 243 -4.15 5.48 -20.08
C LYS A 243 -5.22 6.19 -20.90
N GLY A 244 -6.43 5.63 -20.98
CA GLY A 244 -7.47 6.24 -21.77
C GLY A 244 -7.18 6.08 -23.25
N SER A 245 -6.15 5.33 -23.63
CA SER A 245 -5.85 5.07 -25.03
C SER A 245 -6.78 3.99 -25.57
N ASP A 246 -7.24 4.18 -26.80
CA ASP A 246 -8.10 3.20 -27.46
C ASP A 246 -7.28 2.18 -28.26
N THR A 247 -5.94 2.30 -28.31
CA THR A 247 -5.10 1.36 -29.06
C THR A 247 -4.20 0.51 -28.16
N LEU A 248 -3.80 1.03 -26.99
CA LEU A 248 -2.83 0.36 -26.14
C LEU A 248 -3.40 -1.02 -25.82
N GLN A 249 -2.61 -2.06 -26.11
CA GLN A 249 -2.96 -3.45 -25.83
C GLN A 249 -2.38 -3.87 -24.48
N TRP A 250 -3.06 -4.81 -23.78
CA TRP A 250 -2.61 -5.42 -22.54
C TRP A 250 -1.12 -5.74 -22.59
N GLN A 251 -0.75 -6.40 -23.67
CA GLN A 251 0.58 -6.94 -23.92
C GLN A 251 1.67 -5.85 -23.83
N HIS A 252 1.36 -4.58 -24.11
CA HIS A 252 2.39 -3.54 -24.10
C HIS A 252 2.25 -2.57 -22.92
N ALA A 253 1.21 -2.73 -22.13
CA ALA A 253 0.96 -1.80 -21.03
C ALA A 253 2.02 -1.99 -19.94
N VAL A 254 2.39 -0.93 -19.24
CA VAL A 254 3.43 -1.07 -18.23
C VAL A 254 2.93 -0.71 -16.83
N ASP A 255 1.89 0.13 -16.70
CA ASP A 255 1.49 0.60 -15.39
C ASP A 255 0.23 -0.12 -14.91
N PRO A 256 0.12 -0.36 -13.60
CA PRO A 256 -1.07 -0.95 -13.01
C PRO A 256 -2.25 0.00 -12.98
N ALA A 257 -3.45 -0.59 -13.04
CA ALA A 257 -4.65 0.12 -12.68
C ALA A 257 -4.65 0.32 -11.16
N ILE A 258 -4.92 1.54 -10.73
CA ILE A 258 -5.13 1.83 -9.33
C ILE A 258 -6.63 2.06 -9.13
N VAL A 259 -7.20 1.39 -8.10
CA VAL A 259 -8.62 1.36 -7.86
C VAL A 259 -8.89 1.96 -6.49
N HIS A 260 -9.87 2.84 -6.43
CA HIS A 260 -10.27 3.46 -5.18
C HIS A 260 -11.37 2.58 -4.63
N TRP A 261 -11.20 2.12 -3.40
CA TRP A 261 -12.25 1.32 -2.76
C TRP A 261 -12.35 1.74 -1.33
N TRP A 262 -13.18 1.04 -0.51
CA TRP A 262 -13.50 1.58 0.82
C TRP A 262 -12.27 1.68 1.70
N ASN A 263 -11.26 0.84 1.52
CA ASN A 263 -10.07 0.94 2.37
C ASN A 263 -8.97 1.84 1.81
N GLY A 264 -9.13 2.31 0.57
CA GLY A 264 -8.07 3.13 0.00
C GLY A 264 -7.84 2.90 -1.48
N TYR A 265 -6.57 2.98 -1.84
CA TYR A 265 -6.14 2.86 -3.22
C TYR A 265 -5.21 1.64 -3.38
N SER A 266 -5.53 0.78 -4.36
CA SER A 266 -4.85 -0.50 -4.50
C SER A 266 -4.68 -0.88 -5.96
N ALA A 267 -3.67 -1.68 -6.24
CA ALA A 267 -3.59 -2.41 -7.49
C ALA A 267 -4.60 -3.57 -7.39
N VAL A 268 -4.89 -4.27 -8.47
CA VAL A 268 -5.87 -5.33 -8.36
C VAL A 268 -5.52 -6.47 -9.31
N LEU A 269 -5.76 -7.70 -8.88
CA LEU A 269 -5.61 -8.87 -9.74
C LEU A 269 -6.54 -8.86 -10.93
N ASP A 270 -5.99 -9.27 -12.07
CA ASP A 270 -6.78 -9.46 -13.28
C ASP A 270 -7.30 -10.90 -13.28
N GLY A 271 -8.60 -11.09 -13.03
CA GLY A 271 -9.17 -12.44 -12.94
C GLY A 271 -9.25 -13.13 -14.30
N SER A 272 -9.00 -12.36 -15.39
CA SER A 272 -8.99 -12.99 -16.72
C SER A 272 -7.69 -13.68 -17.03
N ASN A 273 -6.68 -13.42 -16.19
CA ASN A 273 -5.31 -13.85 -16.44
C ASN A 273 -5.12 -15.19 -15.73
N PRO A 274 -4.88 -16.29 -16.47
CA PRO A 274 -4.66 -17.59 -15.83
C PRO A 274 -3.51 -17.56 -14.79
N ASP A 275 -2.49 -16.68 -15.00
CA ASP A 275 -1.35 -16.57 -14.06
C ASP A 275 -1.82 -15.98 -12.73
N ALA A 276 -2.91 -15.18 -12.77
CA ALA A 276 -3.42 -14.62 -11.53
C ALA A 276 -4.11 -15.71 -10.70
N VAL A 277 -4.74 -16.66 -11.39
CA VAL A 277 -5.36 -17.83 -10.74
C VAL A 277 -4.28 -18.66 -10.05
N THR A 278 -3.19 -18.90 -10.75
CA THR A 278 -2.08 -19.65 -10.16
C THR A 278 -1.57 -18.93 -8.90
N TRP A 279 -1.40 -17.60 -8.96
CA TRP A 279 -0.83 -16.85 -7.86
C TRP A 279 -1.75 -16.96 -6.66
N MET A 280 -3.04 -16.81 -6.94
CA MET A 280 -4.04 -16.80 -5.88
C MET A 280 -4.11 -18.21 -5.26
N ARG A 281 -4.06 -19.26 -6.08
CA ARG A 281 -3.99 -20.63 -5.53
C ARG A 281 -2.75 -20.80 -4.63
N GLU A 282 -1.58 -20.33 -5.10
CA GLU A 282 -0.36 -20.49 -4.31
C GLU A 282 -0.58 -19.84 -2.94
N LYS A 283 -1.24 -18.68 -2.87
CA LYS A 283 -1.38 -17.98 -1.62
C LYS A 283 -2.33 -18.72 -0.68
N LEU A 284 -3.48 -19.14 -1.22
CA LEU A 284 -4.51 -19.77 -0.41
C LEU A 284 -4.07 -21.17 -0.02
N ASP A 285 -3.50 -21.93 -0.97
CA ASP A 285 -3.00 -23.26 -0.64
C ASP A 285 -1.94 -23.15 0.47
N GLY A 286 -1.12 -22.08 0.44
CA GLY A 286 -0.03 -21.94 1.40
C GLY A 286 -0.58 -21.72 2.82
N LEU A 287 -1.69 -21.00 2.90
CA LEU A 287 -2.34 -20.70 4.18
C LEU A 287 -2.95 -21.96 4.77
N GLN A 288 -3.56 -22.78 3.92
CA GLN A 288 -4.07 -24.08 4.34
C GLN A 288 -2.95 -24.98 4.84
N GLN A 289 -1.85 -25.07 4.05
CA GLN A 289 -0.77 -26.01 4.33
C GLN A 289 0.00 -25.59 5.57
N GLN A 290 0.28 -24.30 5.69
CA GLN A 290 1.14 -23.87 6.76
C GLN A 290 0.34 -23.64 8.05
N TYR A 291 -0.92 -23.25 7.99
CA TYR A 291 -1.56 -22.91 9.26
C TYR A 291 -2.82 -23.74 9.52
N GLY A 292 -3.28 -24.52 8.51
CA GLY A 292 -4.41 -25.42 8.69
C GLY A 292 -5.77 -24.71 8.49
N ILE A 293 -5.79 -23.60 7.73
CA ILE A 293 -6.99 -22.83 7.45
C ILE A 293 -7.97 -23.68 6.62
N ASP A 294 -9.20 -23.71 7.08
CA ASP A 294 -10.26 -24.54 6.49
C ASP A 294 -10.84 -23.91 5.21
N GLY A 295 -11.04 -22.58 5.23
CA GLY A 295 -11.53 -21.89 4.04
C GLY A 295 -11.36 -20.36 4.05
N PHE A 296 -12.11 -19.70 3.13
CA PHE A 296 -11.89 -18.29 2.87
C PHE A 296 -13.18 -17.54 2.62
N LYS A 297 -13.25 -16.34 3.24
CA LYS A 297 -14.27 -15.34 2.97
C LYS A 297 -13.73 -14.40 1.89
N PHE A 298 -14.26 -14.53 0.68
CA PHE A 298 -13.80 -13.79 -0.48
C PHE A 298 -14.59 -12.49 -0.57
N ASP A 299 -13.96 -11.40 -0.20
CA ASP A 299 -14.62 -10.09 -0.21
C ASP A 299 -14.16 -9.32 -1.44
N ALA A 300 -14.77 -8.14 -1.66
CA ALA A 300 -14.55 -7.32 -2.85
C ALA A 300 -14.82 -8.18 -4.08
N GLY A 301 -14.23 -7.80 -5.21
CA GLY A 301 -14.57 -8.37 -6.50
C GLY A 301 -15.77 -7.69 -7.17
N ASP A 302 -16.34 -6.67 -6.52
CA ASP A 302 -17.49 -5.98 -7.05
C ASP A 302 -17.22 -5.44 -8.46
N ALA A 303 -18.16 -5.64 -9.39
CA ALA A 303 -17.95 -5.23 -10.77
C ALA A 303 -17.57 -3.74 -10.88
N GLU A 304 -18.06 -2.85 -10.00
CA GLU A 304 -17.77 -1.40 -10.12
C GLU A 304 -16.25 -1.14 -10.03
N PHE A 305 -15.50 -2.05 -9.40
CA PHE A 305 -14.07 -1.82 -9.22
C PHE A 305 -13.29 -2.03 -10.50
N TYR A 306 -13.94 -2.61 -11.52
CA TYR A 306 -13.27 -2.98 -12.77
C TYR A 306 -13.60 -2.00 -13.89
N LEU A 307 -14.28 -0.88 -13.59
CA LEU A 307 -14.62 0.13 -14.58
C LEU A 307 -13.48 1.11 -14.81
N GLY A 308 -13.42 1.70 -16.01
CA GLY A 308 -12.52 2.80 -16.24
C GLY A 308 -11.44 2.41 -17.24
N ASN A 309 -10.28 3.05 -17.10
CA ASN A 309 -9.19 2.92 -18.06
C ASN A 309 -8.34 1.69 -17.72
N ILE A 310 -8.87 0.52 -18.07
CA ILE A 310 -8.34 -0.72 -17.57
C ILE A 310 -8.15 -1.70 -18.71
N LEU A 311 -7.03 -2.43 -18.69
CA LEU A 311 -6.76 -3.47 -19.67
C LEU A 311 -6.59 -4.81 -18.98
N SER A 312 -7.36 -5.79 -19.47
CA SER A 312 -7.34 -7.15 -18.97
C SER A 312 -6.77 -8.06 -20.05
N ARG A 313 -6.15 -9.17 -19.60
CA ARG A 313 -5.45 -10.02 -20.53
C ARG A 313 -6.37 -10.64 -21.58
N GLU A 314 -7.53 -11.13 -21.17
CA GLU A 314 -8.46 -11.76 -22.12
C GLU A 314 -9.62 -10.82 -22.53
N LYS A 315 -9.45 -9.52 -22.28
CA LYS A 315 -10.36 -8.48 -22.81
C LYS A 315 -11.80 -8.75 -22.36
N ILE A 316 -12.03 -8.94 -21.06
CA ILE A 316 -13.35 -9.19 -20.53
C ILE A 316 -13.89 -7.92 -19.87
N GLY A 317 -15.21 -7.94 -19.64
CA GLY A 317 -15.87 -6.82 -18.98
C GLY A 317 -15.78 -6.88 -17.45
N ALA A 318 -16.25 -5.82 -16.83
CA ALA A 318 -16.24 -5.67 -15.38
C ALA A 318 -17.06 -6.75 -14.70
N ASN A 319 -18.26 -7.06 -15.22
CA ASN A 319 -19.06 -8.07 -14.55
C ASN A 319 -18.32 -9.40 -14.52
N GLU A 320 -17.63 -9.77 -15.62
CA GLU A 320 -16.98 -11.06 -15.74
CA GLU A 320 -17.01 -11.07 -15.71
C GLU A 320 -15.75 -11.12 -14.82
N GLN A 321 -15.15 -9.96 -14.50
CA GLN A 321 -14.08 -9.92 -13.50
C GLN A 321 -14.65 -10.38 -12.16
N CYS A 322 -15.90 -9.97 -11.87
CA CYS A 322 -16.60 -10.32 -10.61
C CYS A 322 -16.89 -11.84 -10.61
N GLU A 323 -17.39 -12.33 -11.73
CA GLU A 323 -17.72 -13.74 -11.95
C GLU A 323 -16.49 -14.62 -11.74
N ARG A 324 -15.35 -14.21 -12.34
CA ARG A 324 -14.13 -14.99 -12.27
C ARG A 324 -13.50 -14.99 -10.87
N TRP A 325 -13.63 -13.88 -10.11
CA TRP A 325 -13.29 -13.93 -8.70
C TRP A 325 -14.09 -15.03 -8.02
N GLY A 326 -15.39 -15.04 -8.31
CA GLY A 326 -16.33 -16.02 -7.80
C GLY A 326 -15.87 -17.47 -8.03
N ARG A 327 -15.31 -17.75 -9.22
CA ARG A 327 -14.92 -19.11 -9.57
C ARG A 327 -13.78 -19.65 -8.68
N ILE A 328 -12.99 -18.77 -8.05
CA ILE A 328 -11.90 -19.23 -7.19
C ILE A 328 -12.51 -20.11 -6.08
N GLY A 329 -13.70 -19.74 -5.62
CA GLY A 329 -14.34 -20.50 -4.55
C GLY A 329 -14.74 -21.92 -4.98
N LEU A 330 -14.75 -22.21 -6.28
CA LEU A 330 -15.00 -23.57 -6.75
C LEU A 330 -13.87 -24.51 -6.32
N LEU A 331 -12.72 -23.96 -5.91
CA LEU A 331 -11.55 -24.73 -5.50
C LEU A 331 -11.50 -24.85 -3.97
N TYR A 332 -12.33 -24.11 -3.22
CA TYR A 332 -12.29 -24.10 -1.76
C TYR A 332 -13.72 -24.30 -1.23
N PRO A 333 -14.17 -25.56 -1.01
CA PRO A 333 -15.55 -25.81 -0.65
C PRO A 333 -16.02 -25.00 0.55
N MET A 334 -15.11 -24.61 1.45
CA MET A 334 -15.53 -23.76 2.54
C MET A 334 -15.23 -22.33 2.10
N ASN A 335 -16.26 -21.65 1.55
CA ASN A 335 -16.12 -20.30 1.02
C ASN A 335 -17.34 -19.46 1.37
N GLU A 336 -17.21 -18.14 1.17
CA GLU A 336 -18.33 -17.20 1.24
C GLU A 336 -18.01 -15.98 0.37
N TYR A 337 -19.00 -15.55 -0.40
CA TYR A 337 -18.95 -14.40 -1.25
C TYR A 337 -20.12 -13.46 -0.95
N ARG A 338 -19.91 -12.17 -1.25
CA ARG A 338 -20.93 -11.12 -1.16
C ARG A 338 -21.16 -10.56 -2.57
N ALA A 339 -20.08 -10.11 -3.21
CA ALA A 339 -20.16 -9.66 -4.60
C ALA A 339 -20.20 -10.86 -5.53
N MET A 340 -21.13 -10.84 -6.48
CA MET A 340 -21.20 -11.95 -7.44
C MET A 340 -21.86 -11.51 -8.75
N TRP A 341 -21.35 -12.04 -9.86
CA TRP A 341 -22.02 -12.03 -11.16
C TRP A 341 -22.16 -13.49 -11.61
N LYS A 342 -23.38 -13.91 -11.92
CA LYS A 342 -23.63 -15.27 -12.37
C LYS A 342 -23.11 -16.28 -11.33
N ASN A 343 -22.66 -17.45 -11.82
CA ASN A 343 -22.32 -18.59 -10.98
C ASN A 343 -23.53 -19.08 -10.18
N GLY A 344 -24.73 -18.94 -10.78
CA GLY A 344 -25.87 -19.65 -10.26
C GLY A 344 -25.65 -21.16 -10.43
N GLY A 345 -26.18 -21.91 -9.45
CA GLY A 345 -26.12 -23.36 -9.48
C GLY A 345 -24.81 -23.96 -9.01
N GLN A 346 -23.99 -23.13 -8.36
CA GLN A 346 -22.61 -23.45 -8.05
C GLN A 346 -22.47 -23.60 -6.52
N PRO A 347 -21.47 -24.37 -6.04
CA PRO A 347 -21.27 -24.59 -4.60
C PRO A 347 -20.54 -23.45 -3.88
N LEU A 348 -21.13 -22.27 -3.95
CA LEU A 348 -20.60 -21.07 -3.28
C LEU A 348 -21.61 -20.64 -2.27
N VAL A 349 -21.18 -20.27 -1.09
CA VAL A 349 -22.06 -19.65 -0.14
C VAL A 349 -22.18 -18.18 -0.55
N GLU A 350 -23.43 -17.69 -0.62
CA GLU A 350 -23.72 -16.33 -1.05
C GLU A 350 -24.32 -15.63 0.15
N ARG A 351 -23.58 -14.64 0.67
CA ARG A 351 -23.98 -13.92 1.85
C ARG A 351 -24.69 -12.65 1.39
N LEU A 352 -25.85 -12.38 2.00
CA LEU A 352 -26.46 -11.07 1.90
C LEU A 352 -25.46 -10.05 2.44
N ARG A 353 -25.47 -8.85 1.85
CA ARG A 353 -24.46 -7.84 2.18
C ARG A 353 -24.73 -7.26 3.57
N ASP A 354 -23.69 -6.61 4.09
CA ASP A 354 -23.70 -5.80 5.30
C ASP A 354 -25.06 -5.15 5.52
N LYS A 355 -25.75 -5.54 6.59
CA LYS A 355 -27.06 -4.98 6.90
C LYS A 355 -26.90 -3.96 8.04
N TYR A 356 -27.66 -2.88 7.98
CA TYR A 356 -27.69 -1.89 9.06
C TYR A 356 -28.42 -2.50 10.24
N HIS A 357 -28.13 -1.98 11.43
CA HIS A 357 -28.90 -2.29 12.64
C HIS A 357 -30.21 -1.50 12.59
N THR A 358 -31.09 -1.85 11.66
CA THR A 358 -32.40 -1.22 11.53
C THR A 358 -33.49 -2.29 11.31
N TRP A 359 -34.71 -1.93 11.68
CA TRP A 359 -35.87 -2.75 11.39
C TRP A 359 -36.10 -2.85 9.90
N GLU A 360 -35.84 -1.77 9.19
CA GLU A 360 -35.97 -1.78 7.73
C GLU A 360 -35.09 -2.90 7.13
N ASP A 361 -33.86 -3.05 7.64
CA ASP A 361 -32.92 -4.00 7.04
C ASP A 361 -33.24 -5.43 7.47
N VAL A 362 -33.73 -5.60 8.70
CA VAL A 362 -34.13 -6.95 9.07
C VAL A 362 -35.26 -7.45 8.17
N ARG A 363 -36.09 -6.52 7.68
CA ARG A 363 -37.22 -6.87 6.83
C ARG A 363 -36.75 -7.18 5.42
N LYS A 364 -35.44 -6.99 5.15
CA LYS A 364 -34.92 -7.30 3.83
C LYS A 364 -34.49 -8.77 3.78
N LEU A 365 -34.26 -9.41 4.93
CA LEU A 365 -33.54 -10.69 4.88
C LEU A 365 -34.33 -11.70 4.03
N ILE A 366 -35.66 -11.75 4.21
CA ILE A 366 -36.42 -12.79 3.54
C ILE A 366 -36.50 -12.51 2.03
N PRO A 367 -36.96 -11.33 1.55
CA PRO A 367 -37.05 -11.10 0.11
C PRO A 367 -35.71 -11.15 -0.64
N HIS A 368 -34.67 -10.69 0.04
CA HIS A 368 -33.33 -10.79 -0.54
C HIS A 368 -32.92 -12.26 -0.66
N ALA A 369 -33.13 -13.01 0.43
CA ALA A 369 -32.74 -14.43 0.45
C ALA A 369 -33.57 -15.24 -0.56
N SER A 370 -34.86 -14.93 -0.72
CA SER A 370 -35.71 -15.71 -1.58
C SER A 370 -35.32 -15.42 -3.02
N LEU A 371 -35.02 -14.17 -3.34
CA LEU A 371 -34.62 -13.81 -4.68
C LEU A 371 -33.30 -14.49 -4.99
N ALA A 372 -32.36 -14.46 -4.04
CA ALA A 372 -31.06 -15.10 -4.23
C ALA A 372 -31.26 -16.54 -4.71
N GLY A 373 -32.17 -17.24 -4.03
CA GLY A 373 -32.54 -18.60 -4.40
C GLY A 373 -32.95 -18.73 -5.88
N LEU A 374 -33.82 -17.84 -6.35
CA LEU A 374 -34.36 -17.93 -7.70
C LEU A 374 -33.27 -17.58 -8.73
N LEU A 375 -32.23 -16.86 -8.30
CA LEU A 375 -31.14 -16.50 -9.22
C LEU A 375 -30.03 -17.58 -9.22
N GLY A 376 -30.26 -18.72 -8.52
CA GLY A 376 -29.28 -19.79 -8.56
C GLY A 376 -28.38 -19.86 -7.33
N TYR A 377 -28.71 -19.04 -6.33
CA TYR A 377 -27.94 -18.96 -5.10
C TYR A 377 -28.68 -19.65 -3.96
N SER A 378 -28.67 -21.01 -3.96
CA SER A 378 -29.45 -21.72 -2.96
C SER A 378 -28.86 -21.54 -1.55
N PHE A 379 -27.51 -21.47 -1.51
CA PHE A 379 -26.74 -21.50 -0.28
C PHE A 379 -26.55 -20.06 0.19
N VAL A 380 -27.61 -19.47 0.74
CA VAL A 380 -27.64 -18.05 1.07
C VAL A 380 -27.65 -17.89 2.59
N CYS A 381 -26.79 -16.98 3.08
CA CYS A 381 -26.68 -16.69 4.48
C CYS A 381 -27.04 -15.22 4.65
N PRO A 382 -27.94 -14.88 5.59
CA PRO A 382 -28.50 -13.53 5.64
C PRO A 382 -27.68 -12.52 6.43
N ASP A 383 -26.44 -12.32 6.00
CA ASP A 383 -25.49 -11.44 6.63
C ASP A 383 -25.32 -11.79 8.11
N MET A 384 -25.39 -10.79 9.00
CA MET A 384 -24.91 -10.99 10.37
C MET A 384 -26.01 -10.62 11.37
N ILE A 385 -26.24 -11.48 12.38
CA ILE A 385 -27.30 -11.27 13.34
C ILE A 385 -27.14 -9.92 14.02
N GLY A 386 -28.16 -9.06 13.88
CA GLY A 386 -28.17 -7.74 14.53
C GLY A 386 -27.62 -6.66 13.61
N GLY A 387 -26.96 -7.08 12.53
CA GLY A 387 -26.42 -6.13 11.58
C GLY A 387 -24.94 -6.40 11.34
N GLY A 388 -24.45 -6.04 10.14
CA GLY A 388 -23.09 -6.34 9.71
C GLY A 388 -22.29 -5.09 9.34
N ASP A 389 -22.87 -3.90 9.59
CA ASP A 389 -22.23 -2.63 9.32
C ASP A 389 -21.73 -2.08 10.65
N PHE A 390 -20.38 -1.99 10.81
CA PHE A 390 -19.74 -1.69 12.10
C PHE A 390 -20.05 -0.28 12.59
N SER A 391 -20.54 0.64 11.74
CA SER A 391 -20.84 1.99 12.22
C SER A 391 -22.32 2.17 12.58
N SER A 392 -23.18 1.16 12.41
CA SER A 392 -24.41 1.10 13.20
C SER A 392 -24.06 0.88 14.67
N PHE A 393 -22.86 0.30 14.87
CA PHE A 393 -22.21 0.08 16.15
C PHE A 393 -20.97 0.99 16.26
N LYS A 398 -27.47 2.95 22.16
CA LYS A 398 -28.81 2.67 21.61
C LYS A 398 -28.78 1.48 20.67
N LEU A 399 -28.23 0.35 21.14
CA LEU A 399 -28.52 -0.94 20.53
C LEU A 399 -29.94 -1.34 20.92
N ASP A 400 -30.67 -1.82 19.91
CA ASP A 400 -32.05 -2.27 20.06
C ASP A 400 -32.01 -3.77 20.30
N GLN A 401 -32.17 -4.17 21.56
CA GLN A 401 -32.04 -5.57 21.90
C GLN A 401 -33.09 -6.42 21.18
N GLU A 402 -34.32 -5.92 21.09
CA GLU A 402 -35.39 -6.68 20.50
C GLU A 402 -35.06 -6.95 19.04
N LEU A 403 -34.45 -5.96 18.40
CA LEU A 403 -34.07 -6.09 17.01
C LEU A 403 -33.08 -7.24 16.87
N ILE A 404 -32.15 -7.34 17.81
CA ILE A 404 -31.14 -8.39 17.71
C ILE A 404 -31.80 -9.76 17.84
N VAL A 405 -32.67 -9.91 18.82
CA VAL A 405 -33.41 -11.15 18.96
C VAL A 405 -34.14 -11.49 17.66
N ARG A 406 -34.93 -10.56 17.13
CA ARG A 406 -35.74 -10.90 15.96
C ARG A 406 -34.85 -11.23 14.77
N SER A 407 -33.67 -10.58 14.71
CA SER A 407 -32.69 -10.87 13.67
C SER A 407 -32.22 -12.31 13.78
N ALA A 408 -31.92 -12.76 14.98
CA ALA A 408 -31.46 -14.13 15.21
C ALA A 408 -32.58 -15.12 14.86
N GLN A 409 -33.83 -14.80 15.24
CA GLN A 409 -34.95 -15.66 14.99
C GLN A 409 -35.22 -15.76 13.49
N CYS A 410 -35.00 -14.67 12.77
CA CYS A 410 -35.17 -14.68 11.32
C CYS A 410 -34.09 -15.54 10.64
N HIS A 411 -32.88 -15.54 11.19
CA HIS A 411 -31.77 -16.30 10.63
C HIS A 411 -32.02 -17.78 10.82
N ALA A 412 -32.73 -18.14 11.91
CA ALA A 412 -32.65 -19.51 12.43
C ALA A 412 -33.02 -20.57 11.40
N LEU A 413 -34.08 -20.35 10.63
CA LEU A 413 -34.57 -21.38 9.71
C LEU A 413 -34.25 -21.04 8.27
N MET A 414 -33.33 -20.09 8.08
CA MET A 414 -32.71 -19.87 6.77
C MET A 414 -31.67 -20.95 6.55
N PRO A 415 -31.09 -21.05 5.33
CA PRO A 415 -30.11 -22.09 5.06
C PRO A 415 -28.93 -22.04 6.03
N MET A 416 -28.54 -20.83 6.45
CA MET A 416 -27.38 -20.63 7.30
C MET A 416 -27.68 -19.52 8.28
N MET A 417 -26.99 -19.53 9.40
CA MET A 417 -27.20 -18.57 10.49
C MET A 417 -25.81 -18.03 10.93
N GLN A 418 -25.62 -16.69 10.99
CA GLN A 418 -24.28 -16.11 11.19
C GLN A 418 -24.37 -15.01 12.22
N PHE A 419 -23.59 -15.18 13.30
CA PHE A 419 -23.43 -14.18 14.35
C PHE A 419 -22.17 -13.36 14.08
N SER A 420 -22.16 -12.14 14.58
CA SER A 420 -20.90 -11.42 14.72
C SER A 420 -20.90 -10.66 16.04
N VAL A 421 -21.81 -9.72 16.24
CA VAL A 421 -21.87 -9.07 17.54
C VAL A 421 -22.23 -10.10 18.62
N ALA A 422 -21.59 -9.95 19.77
CA ALA A 422 -21.65 -10.94 20.82
C ALA A 422 -22.96 -10.80 21.58
N PRO A 423 -23.91 -11.74 21.43
CA PRO A 423 -25.21 -11.66 22.12
C PRO A 423 -25.09 -11.52 23.63
N TRP A 424 -24.11 -12.21 24.22
CA TRP A 424 -23.91 -12.19 25.67
C TRP A 424 -23.41 -10.82 26.11
N ARG A 425 -22.76 -10.03 25.24
CA ARG A 425 -22.30 -8.71 25.65
C ARG A 425 -23.40 -7.64 25.56
N VAL A 426 -24.29 -7.74 24.57
CA VAL A 426 -25.21 -6.63 24.32
C VAL A 426 -26.66 -6.93 24.74
N LEU A 427 -26.98 -8.15 25.22
CA LEU A 427 -28.37 -8.52 25.51
C LEU A 427 -28.53 -8.86 26.98
N ASP A 428 -29.69 -8.53 27.56
CA ASP A 428 -29.96 -8.84 28.96
C ASP A 428 -30.38 -10.30 28.95
N SER A 429 -30.72 -10.87 30.10
CA SER A 429 -30.80 -12.32 30.23
C SER A 429 -31.97 -12.92 29.43
N SER A 430 -33.17 -12.27 29.40
CA SER A 430 -34.31 -12.80 28.66
C SER A 430 -34.02 -12.85 27.16
N GLN A 431 -33.45 -11.75 26.68
CA GLN A 431 -33.15 -11.60 25.26
C GLN A 431 -32.06 -12.59 24.87
N LEU A 432 -31.05 -12.74 25.74
CA LEU A 432 -30.02 -13.69 25.42
C LEU A 432 -30.62 -15.08 25.31
N GLN A 433 -31.45 -15.42 26.29
CA GLN A 433 -32.10 -16.73 26.31
C GLN A 433 -32.93 -16.94 25.03
N ALA A 434 -33.57 -15.88 24.54
CA ALA A 434 -34.39 -16.00 23.35
C ALA A 434 -33.52 -16.32 22.12
N VAL A 435 -32.33 -15.70 22.08
CA VAL A 435 -31.39 -16.02 21.02
C VAL A 435 -30.97 -17.48 21.12
N LYS A 436 -30.75 -17.98 22.33
CA LYS A 436 -30.36 -19.37 22.52
C LYS A 436 -31.48 -20.31 22.06
N ASN A 437 -32.74 -19.92 22.34
CA ASN A 437 -33.87 -20.72 21.94
C ASN A 437 -33.96 -20.76 20.41
N ALA A 438 -33.57 -19.68 19.77
CA ALA A 438 -33.54 -19.68 18.31
C ALA A 438 -32.51 -20.67 17.78
N VAL A 439 -31.32 -20.71 18.41
CA VAL A 439 -30.30 -21.67 18.04
C VAL A 439 -30.86 -23.08 18.25
N ALA A 440 -31.56 -23.30 19.36
CA ALA A 440 -32.14 -24.61 19.67
C ALA A 440 -33.16 -25.02 18.61
N LEU A 441 -34.00 -24.10 18.17
CA LEU A 441 -34.98 -24.43 17.14
C LEU A 441 -34.25 -24.83 15.86
N ARG A 442 -33.18 -24.09 15.52
CA ARG A 442 -32.42 -24.43 14.33
C ARG A 442 -31.89 -25.88 14.45
N ARG A 443 -31.41 -26.27 15.64
CA ARG A 443 -30.88 -27.61 15.82
C ARG A 443 -31.97 -28.65 15.66
N GLN A 444 -33.15 -28.40 16.26
CA GLN A 444 -34.31 -29.27 16.05
C GLN A 444 -34.64 -29.45 14.56
N MET A 445 -34.51 -28.37 13.79
CA MET A 445 -34.95 -28.35 12.39
C MET A 445 -33.81 -28.70 11.43
N LEU A 446 -32.60 -28.90 11.94
CA LEU A 446 -31.48 -29.09 11.07
C LEU A 446 -31.67 -30.24 10.07
N PRO A 447 -32.26 -31.40 10.44
CA PRO A 447 -32.43 -32.47 9.45
C PRO A 447 -33.23 -32.01 8.24
N GLU A 448 -34.21 -31.13 8.46
CA GLU A 448 -35.03 -30.62 7.37
C GLU A 448 -34.17 -29.68 6.49
N ILE A 449 -33.43 -28.80 7.16
CA ILE A 449 -32.55 -27.86 6.46
C ILE A 449 -31.59 -28.63 5.56
N MET A 450 -30.93 -29.64 6.12
CA MET A 450 -29.92 -30.38 5.41
C MET A 450 -30.53 -31.20 4.28
N LYS A 451 -31.76 -31.70 4.48
CA LYS A 451 -32.43 -32.48 3.44
C LYS A 451 -32.55 -31.61 2.19
N TYR A 452 -33.05 -30.39 2.40
CA TYR A 452 -33.28 -29.50 1.29
C TYR A 452 -31.99 -28.90 0.76
N THR A 453 -30.98 -28.71 1.64
CA THR A 453 -29.66 -28.23 1.19
C THR A 453 -29.03 -29.26 0.25
N ARG A 454 -29.11 -30.53 0.64
CA ARG A 454 -28.52 -31.58 -0.18
C ARG A 454 -29.22 -31.66 -1.54
N GLU A 455 -30.56 -31.52 -1.52
CA GLU A 455 -31.35 -31.57 -2.73
C GLU A 455 -31.03 -30.36 -3.63
N ALA A 456 -30.80 -29.17 -3.02
CA ALA A 456 -30.48 -27.97 -3.77
C ALA A 456 -29.19 -28.17 -4.58
N ALA A 457 -28.19 -28.89 -4.03
CA ALA A 457 -27.00 -29.19 -4.80
C ALA A 457 -27.34 -29.97 -6.09
N VAL A 458 -28.35 -30.83 -6.03
CA VAL A 458 -28.67 -31.70 -7.15
C VAL A 458 -29.57 -31.03 -8.17
N THR A 459 -30.63 -30.36 -7.70
CA THR A 459 -31.67 -29.82 -8.60
C THR A 459 -31.66 -28.27 -8.69
N GLY A 460 -30.93 -27.62 -7.77
CA GLY A 460 -30.92 -26.18 -7.67
C GLY A 460 -32.18 -25.63 -7.01
N MET A 461 -33.12 -26.52 -6.62
CA MET A 461 -34.35 -26.01 -6.05
C MET A 461 -34.02 -25.33 -4.71
N PRO A 462 -34.46 -24.09 -4.43
CA PRO A 462 -34.04 -23.39 -3.22
C PRO A 462 -34.42 -24.07 -1.91
N VAL A 463 -33.60 -23.79 -0.91
CA VAL A 463 -33.88 -24.20 0.44
C VAL A 463 -34.95 -23.27 1.01
N LEU A 464 -34.72 -21.96 0.90
CA LEU A 464 -35.66 -20.95 1.35
C LEU A 464 -36.42 -20.48 0.13
N ARG A 465 -37.73 -20.77 0.12
CA ARG A 465 -38.61 -20.51 -1.03
C ARG A 465 -39.57 -19.38 -0.69
N SER A 466 -39.83 -18.51 -1.66
CA SER A 466 -40.88 -17.49 -1.52
C SER A 466 -42.27 -18.14 -1.43
N MET A 467 -43.20 -17.42 -0.83
CA MET A 467 -44.57 -17.94 -0.75
C MET A 467 -45.14 -18.12 -2.15
N GLU A 468 -44.84 -17.19 -3.07
CA GLU A 468 -45.30 -17.27 -4.46
C GLU A 468 -44.77 -18.53 -5.13
N PHE A 469 -43.52 -18.85 -4.88
CA PHE A 469 -42.90 -20.03 -5.49
C PHE A 469 -43.65 -21.30 -5.12
N VAL A 470 -44.05 -21.45 -3.86
CA VAL A 470 -44.64 -22.72 -3.42
C VAL A 470 -46.15 -22.68 -3.61
N PHE A 471 -46.78 -21.50 -3.50
CA PHE A 471 -48.22 -21.34 -3.61
C PHE A 471 -48.58 -20.24 -4.63
N PRO A 472 -48.41 -20.52 -5.94
CA PRO A 472 -48.69 -19.53 -6.97
C PRO A 472 -50.19 -19.19 -7.12
N HIS A 473 -50.45 -17.94 -7.58
CA HIS A 473 -51.76 -17.44 -7.92
C HIS A 473 -52.72 -17.60 -6.75
N GLN A 474 -52.25 -17.34 -5.55
CA GLN A 474 -53.05 -17.44 -4.33
C GLN A 474 -52.88 -16.17 -3.49
N GLY A 475 -52.46 -15.07 -4.10
CA GLY A 475 -52.36 -13.80 -3.40
C GLY A 475 -51.07 -13.58 -2.61
N PHE A 476 -50.03 -14.36 -2.88
CA PHE A 476 -48.77 -14.26 -2.12
C PHE A 476 -47.67 -13.43 -2.80
N GLU A 477 -47.97 -12.80 -3.92
CA GLU A 477 -46.98 -12.10 -4.76
C GLU A 477 -46.18 -11.07 -3.97
N ARG A 478 -46.76 -10.44 -2.96
CA ARG A 478 -46.12 -9.34 -2.24
C ARG A 478 -45.95 -9.72 -0.77
N VAL A 479 -46.12 -11.01 -0.44
CA VAL A 479 -45.88 -11.46 0.92
C VAL A 479 -44.40 -11.79 1.09
N GLU A 480 -43.69 -10.95 1.84
CA GLU A 480 -42.24 -11.01 1.95
C GLU A 480 -41.79 -11.11 3.40
N ASP A 481 -42.73 -11.31 4.33
CA ASP A 481 -42.41 -11.56 5.74
C ASP A 481 -42.74 -13.01 6.11
N GLN A 482 -42.76 -13.87 5.11
CA GLN A 482 -42.95 -15.29 5.35
C GLN A 482 -42.12 -16.00 4.28
N PHE A 483 -41.66 -17.23 4.60
CA PHE A 483 -41.00 -18.04 3.61
C PHE A 483 -41.30 -19.51 3.89
N MET A 484 -41.05 -20.31 2.88
CA MET A 484 -41.15 -21.76 3.04
C MET A 484 -39.74 -22.33 3.17
N LEU A 485 -39.54 -23.12 4.22
CA LEU A 485 -38.38 -24.01 4.30
C LEU A 485 -38.75 -25.33 3.65
N GLY A 486 -38.19 -25.57 2.45
CA GLY A 486 -38.63 -26.60 1.54
C GLY A 486 -40.11 -26.48 1.25
N ASP A 487 -40.80 -27.63 1.18
CA ASP A 487 -42.20 -27.66 0.79
C ASP A 487 -43.17 -27.53 1.97
N ASN A 488 -42.72 -27.81 3.19
CA ASN A 488 -43.66 -28.23 4.23
C ASN A 488 -43.62 -27.38 5.50
N TYR A 489 -42.69 -26.46 5.60
CA TYR A 489 -42.59 -25.60 6.76
C TYR A 489 -42.72 -24.13 6.34
N LEU A 490 -43.76 -23.48 6.86
CA LEU A 490 -44.01 -22.06 6.64
C LEU A 490 -43.51 -21.31 7.87
N VAL A 491 -42.58 -20.40 7.61
CA VAL A 491 -41.94 -19.65 8.69
C VAL A 491 -42.36 -18.20 8.53
N ALA A 492 -42.80 -17.59 9.66
CA ALA A 492 -43.27 -16.22 9.68
C ALA A 492 -42.63 -15.50 10.86
N PRO A 493 -41.31 -15.18 10.78
CA PRO A 493 -40.62 -14.54 11.90
C PRO A 493 -41.30 -13.22 12.26
N VAL A 494 -41.39 -12.88 13.53
CA VAL A 494 -41.80 -11.54 13.90
C VAL A 494 -40.75 -10.52 13.49
N LEU A 495 -41.17 -9.51 12.72
CA LEU A 495 -40.30 -8.50 12.15
C LEU A 495 -40.81 -7.09 12.41
N GLU A 496 -41.58 -6.91 13.49
CA GLU A 496 -41.87 -5.59 14.03
C GLU A 496 -42.14 -5.74 15.51
N LYS A 497 -42.22 -4.58 16.17
CA LYS A 497 -42.60 -4.49 17.58
C LYS A 497 -44.11 -4.73 17.73
N GLY A 498 -44.51 -5.15 18.92
CA GLY A 498 -45.92 -5.39 19.21
C GLY A 498 -46.16 -6.84 19.59
N SER A 499 -47.37 -7.12 20.06
CA SER A 499 -47.74 -8.43 20.59
C SER A 499 -48.58 -9.21 19.58
N VAL A 500 -48.69 -8.70 18.34
CA VAL A 500 -49.51 -9.38 17.35
C VAL A 500 -48.75 -9.51 16.05
N ARG A 501 -48.92 -10.68 15.43
CA ARG A 501 -48.35 -11.06 14.16
C ARG A 501 -49.49 -11.59 13.28
N LYS A 502 -49.60 -11.11 12.05
CA LYS A 502 -50.56 -11.62 11.10
C LYS A 502 -49.82 -12.58 10.19
N ILE A 503 -50.50 -13.69 9.86
CA ILE A 503 -49.90 -14.72 9.05
C ILE A 503 -50.91 -15.16 8.00
N LYS A 504 -50.51 -15.03 6.73
CA LYS A 504 -51.41 -15.38 5.63
C LYS A 504 -51.13 -16.84 5.28
N LEU A 505 -52.13 -17.72 5.49
CA LEU A 505 -51.96 -19.15 5.28
C LEU A 505 -52.51 -19.57 3.92
N PRO A 506 -51.71 -20.27 3.09
CA PRO A 506 -52.22 -20.84 1.86
C PRO A 506 -53.34 -21.83 2.18
N LYS A 507 -54.15 -22.19 1.19
CA LYS A 507 -55.18 -23.19 1.41
C LYS A 507 -54.49 -24.48 1.79
N GLY A 508 -55.13 -25.22 2.72
CA GLY A 508 -54.57 -26.43 3.28
C GLY A 508 -54.67 -26.34 4.80
N ARG A 509 -54.04 -27.28 5.50
CA ARG A 509 -54.07 -27.26 6.96
C ARG A 509 -52.64 -27.07 7.40
N TRP A 510 -52.50 -26.33 8.51
CA TRP A 510 -51.21 -25.86 8.98
C TRP A 510 -51.11 -26.02 10.50
N GLN A 511 -50.10 -26.79 10.93
CA GLN A 511 -49.90 -27.09 12.34
C GLN A 511 -48.76 -26.26 12.93
N GLU A 512 -49.09 -25.37 13.88
CA GLU A 512 -48.05 -24.62 14.58
C GLU A 512 -47.18 -25.65 15.33
N ILE A 513 -45.86 -25.57 15.18
CA ILE A 513 -44.97 -26.63 15.64
C ILE A 513 -44.83 -26.59 17.16
N GLN A 514 -45.01 -25.44 17.84
CA GLN A 514 -44.85 -25.42 19.29
C GLN A 514 -46.14 -25.86 19.94
N SER A 515 -47.25 -25.22 19.50
CA SER A 515 -48.54 -25.35 20.15
C SER A 515 -49.24 -26.64 19.73
N GLY A 516 -49.00 -27.12 18.52
CA GLY A 516 -49.72 -28.25 17.96
C GLY A 516 -51.09 -27.87 17.43
N LYS A 517 -51.44 -26.59 17.48
CA LYS A 517 -52.74 -26.16 17.02
C LYS A 517 -52.76 -26.22 15.49
N VAL A 518 -53.87 -26.72 14.93
CA VAL A 518 -54.07 -26.80 13.48
C VAL A 518 -54.99 -25.67 13.01
N TYR A 519 -54.56 -24.95 11.99
CA TYR A 519 -55.27 -23.82 11.44
C TYR A 519 -55.66 -24.16 10.01
N ARG A 520 -56.92 -23.91 9.66
CA ARG A 520 -57.34 -24.00 8.28
C ARG A 520 -56.77 -22.84 7.49
N GLY A 521 -56.39 -23.08 6.24
CA GLY A 521 -55.78 -22.05 5.43
C GLY A 521 -56.82 -21.20 4.67
N GLY A 522 -56.31 -20.52 3.64
CA GLY A 522 -57.16 -19.68 2.80
C GLY A 522 -57.61 -18.44 3.53
N GLU A 523 -56.85 -18.00 4.50
CA GLU A 523 -57.15 -16.79 5.23
C GLU A 523 -55.91 -16.34 6.00
N THR A 524 -56.09 -15.19 6.66
CA THR A 524 -55.05 -14.59 7.46
C THR A 524 -55.41 -14.75 8.92
N ILE A 525 -54.49 -15.24 9.75
CA ILE A 525 -54.72 -15.37 11.18
C ILE A 525 -53.88 -14.34 11.91
N GLU A 526 -54.28 -14.09 13.15
CA GLU A 526 -53.50 -13.22 14.04
C GLU A 526 -53.12 -14.05 15.25
N LEU A 527 -51.82 -14.02 15.57
CA LEU A 527 -51.21 -14.82 16.62
C LEU A 527 -50.66 -13.86 17.67
N LYS A 528 -50.94 -14.14 18.96
CA LYS A 528 -50.24 -13.44 20.04
C LYS A 528 -48.80 -13.92 20.09
N VAL A 529 -47.86 -12.98 20.24
CA VAL A 529 -46.45 -13.32 20.27
C VAL A 529 -45.77 -12.59 21.40
N THR A 530 -44.70 -13.24 21.86
CA THR A 530 -43.79 -12.71 22.86
C THR A 530 -42.43 -12.62 22.17
N LEU A 531 -41.46 -12.11 22.93
CA LEU A 531 -40.09 -12.01 22.46
C LEU A 531 -39.52 -13.35 22.02
N ASN A 532 -40.05 -14.46 22.57
CA ASN A 532 -39.53 -15.80 22.34
C ASN A 532 -40.16 -16.48 21.11
N THR A 533 -41.24 -15.92 20.55
CA THR A 533 -42.01 -16.62 19.52
C THR A 533 -41.33 -16.55 18.16
N ILE A 534 -41.27 -17.74 17.51
CA ILE A 534 -40.81 -17.86 16.12
C ILE A 534 -41.86 -18.67 15.39
N PRO A 535 -42.92 -18.02 14.88
CA PRO A 535 -44.03 -18.73 14.26
C PRO A 535 -43.61 -19.57 13.08
N CYS A 536 -43.95 -20.85 13.19
CA CYS A 536 -43.57 -21.84 12.20
C CYS A 536 -44.66 -22.89 12.10
N PHE A 537 -45.06 -23.22 10.86
CA PHE A 537 -46.23 -24.09 10.67
C PHE A 537 -45.89 -25.25 9.75
N LYS A 538 -46.28 -26.46 10.16
CA LYS A 538 -46.08 -27.63 9.32
C LYS A 538 -47.33 -27.88 8.50
N ARG A 539 -47.12 -28.04 7.20
CA ARG A 539 -48.15 -28.38 6.25
C ARG A 539 -48.63 -29.79 6.55
N THR A 540 -49.93 -29.96 6.84
CA THR A 540 -50.54 -31.26 7.16
C THR A 540 -51.67 -31.58 6.17
N THR A 541 -52.13 -30.56 5.43
CA THR A 541 -52.80 -30.68 4.12
C THR A 541 -52.30 -29.55 3.17
N GLN B 28 8.29 36.13 -14.10
CA GLN B 28 9.11 35.96 -15.34
C GLN B 28 10.33 36.89 -15.34
N GLN B 29 10.85 37.30 -14.16
CA GLN B 29 12.01 38.19 -14.11
C GLN B 29 13.26 37.47 -14.64
N SER B 30 14.03 38.14 -15.53
CA SER B 30 15.17 37.48 -16.14
C SER B 30 16.42 38.33 -15.96
N LEU B 31 17.58 37.68 -16.15
CA LEU B 31 18.87 38.28 -15.93
C LEU B 31 19.85 37.69 -16.94
N HIS B 32 20.59 38.56 -17.62
CA HIS B 32 21.56 38.20 -18.64
C HIS B 32 22.93 38.64 -18.16
N ILE B 33 23.87 37.70 -18.09
CA ILE B 33 25.15 37.97 -17.46
C ILE B 33 26.26 37.55 -18.41
N PRO B 34 26.89 38.49 -19.14
CA PRO B 34 28.08 38.18 -19.93
C PRO B 34 29.16 37.68 -18.97
N LEU B 35 29.81 36.59 -19.32
CA LEU B 35 30.97 36.11 -18.58
C LEU B 35 32.13 37.11 -18.68
N LEU B 36 32.83 37.28 -17.56
CA LEU B 36 34.13 37.93 -17.59
C LEU B 36 35.14 37.03 -18.31
N LYS B 37 36.17 37.63 -18.84
CA LYS B 37 37.16 36.87 -19.61
C LYS B 37 37.74 35.75 -18.75
N GLY B 38 37.58 34.48 -19.17
CA GLY B 38 38.14 33.35 -18.45
C GLY B 38 37.33 32.94 -17.21
N GLU B 39 36.17 33.52 -17.01
CA GLU B 39 35.35 33.21 -15.85
C GLU B 39 34.71 31.82 -15.99
N CYS B 40 34.62 31.16 -14.85
CA CYS B 40 34.08 29.83 -14.70
C CYS B 40 32.98 29.94 -13.67
N TRP B 41 31.85 29.27 -13.99
CA TRP B 41 30.66 29.23 -13.15
C TRP B 41 30.30 27.79 -12.77
N TRP B 42 30.01 27.63 -11.48
CA TRP B 42 29.47 26.41 -10.88
C TRP B 42 28.24 26.77 -10.06
N GLY B 43 27.41 25.77 -9.74
CA GLY B 43 26.29 25.97 -8.84
C GLY B 43 25.10 25.07 -9.16
N ALA B 44 23.97 25.38 -8.54
CA ALA B 44 22.62 24.90 -8.89
C ALA B 44 22.36 23.51 -8.30
N ALA B 45 23.12 22.51 -8.82
CA ALA B 45 22.76 21.12 -8.58
C ALA B 45 24.01 20.25 -8.42
N VAL B 46 24.15 19.64 -7.23
CA VAL B 46 25.29 18.76 -6.94
C VAL B 46 25.49 17.70 -8.02
N ASN B 47 24.39 17.06 -8.45
CA ASN B 47 24.46 15.95 -9.40
C ASN B 47 24.65 16.39 -10.84
N ARG B 48 24.91 17.68 -11.07
CA ARG B 48 25.35 18.15 -12.38
C ARG B 48 26.80 18.66 -12.37
N ALA B 49 27.56 18.44 -11.30
CA ALA B 49 28.87 19.08 -11.19
C ALA B 49 29.84 18.63 -12.27
N HIS B 50 29.64 17.41 -12.81
CA HIS B 50 30.48 16.94 -13.90
C HIS B 50 30.27 17.66 -15.23
N ASP B 51 29.26 18.55 -15.32
CA ASP B 51 28.97 19.38 -16.49
C ASP B 51 29.42 20.81 -16.22
N MET B 52 30.14 21.02 -15.11
CA MET B 52 30.63 22.35 -14.81
C MET B 52 32.16 22.34 -14.92
N PRO B 53 32.82 23.50 -15.07
CA PRO B 53 32.16 24.81 -15.27
C PRO B 53 31.16 24.86 -16.41
N LEU B 54 30.06 25.60 -16.22
CA LEU B 54 29.01 25.66 -17.22
C LEU B 54 29.59 26.09 -18.56
N GLN B 55 29.33 25.28 -19.58
CA GLN B 55 29.84 25.46 -20.93
C GLN B 55 28.78 26.08 -21.84
N PRO B 56 29.12 26.54 -23.07
CA PRO B 56 28.09 26.88 -24.05
C PRO B 56 27.15 25.70 -24.26
N GLY B 57 25.84 25.98 -24.24
CA GLY B 57 24.82 24.96 -24.44
C GLY B 57 24.22 24.53 -23.12
N ALA B 58 24.90 24.84 -22.02
CA ALA B 58 24.49 24.24 -20.76
C ALA B 58 23.08 24.70 -20.34
N PHE B 59 22.26 23.80 -19.77
CA PHE B 59 20.97 24.18 -19.21
C PHE B 59 20.69 23.43 -17.91
N ILE B 60 20.26 24.13 -16.87
CA ILE B 60 19.82 23.49 -15.63
C ILE B 60 18.50 24.14 -15.20
N GLN B 61 17.48 23.30 -15.02
CA GLN B 61 16.18 23.70 -14.48
C GLN B 61 16.15 23.30 -13.01
N LEU B 62 15.94 24.23 -12.09
CA LEU B 62 15.76 23.91 -10.67
C LEU B 62 14.30 23.84 -10.26
N ASN B 63 13.41 24.42 -11.07
CA ASN B 63 12.01 24.46 -10.67
C ASN B 63 11.42 23.04 -10.74
N GLY B 64 11.08 22.48 -9.56
CA GLY B 64 10.51 21.15 -9.49
C GLY B 64 11.52 20.04 -9.78
N ASP B 65 12.82 20.32 -9.67
CA ASP B 65 13.88 19.39 -10.05
C ASP B 65 15.15 19.63 -9.22
N VAL B 66 15.49 18.68 -8.33
CA VAL B 66 16.76 18.68 -7.62
C VAL B 66 17.76 17.70 -8.25
N SER B 67 17.44 17.20 -9.44
CA SER B 67 18.36 16.41 -10.26
C SER B 67 18.83 15.18 -9.50
N GLY B 68 17.94 14.56 -8.73
CA GLY B 68 18.31 13.35 -8.00
C GLY B 68 19.14 13.53 -6.73
N ASN B 69 19.37 14.78 -6.28
CA ASN B 69 20.29 15.00 -5.16
C ASN B 69 19.99 16.39 -4.57
N GLN B 70 21.04 17.11 -4.11
CA GLN B 70 20.88 18.43 -3.50
C GLN B 70 20.96 19.53 -4.57
N ALA B 71 20.14 20.57 -4.38
CA ALA B 71 20.12 21.72 -5.26
C ALA B 71 19.89 22.99 -4.44
N VAL B 72 20.46 24.08 -4.95
CA VAL B 72 20.43 25.37 -4.27
C VAL B 72 20.35 26.45 -5.35
N PRO B 73 19.57 27.54 -5.14
CA PRO B 73 19.45 28.62 -6.11
C PRO B 73 20.61 29.60 -5.99
N LEU B 74 21.80 29.06 -6.25
CA LEU B 74 23.06 29.75 -6.11
C LEU B 74 23.96 29.36 -7.27
N LEU B 75 24.59 30.39 -7.85
CA LEU B 75 25.74 30.19 -8.72
C LEU B 75 26.93 30.97 -8.15
N LEU B 76 28.14 30.41 -8.36
CA LEU B 76 29.41 30.98 -7.93
C LEU B 76 30.38 31.00 -9.09
N SER B 77 31.19 32.07 -9.15
CA SER B 77 32.18 32.23 -10.22
C SER B 77 33.61 32.34 -9.67
N SER B 78 34.54 31.98 -10.56
CA SER B 78 35.98 32.06 -10.29
C SER B 78 36.47 33.51 -10.21
N ALA B 79 35.64 34.49 -10.58
CA ALA B 79 36.03 35.88 -10.45
C ALA B 79 35.35 36.55 -9.25
N GLY B 80 34.82 35.75 -8.31
CA GLY B 80 34.20 36.27 -7.09
C GLY B 80 32.75 36.73 -7.26
N ARG B 81 32.13 36.42 -8.40
CA ARG B 81 30.72 36.78 -8.62
C ARG B 81 29.80 35.65 -8.16
N TYR B 82 28.57 36.03 -7.77
CA TYR B 82 27.59 35.08 -7.34
C TYR B 82 26.18 35.55 -7.75
N VAL B 83 25.31 34.54 -7.96
CA VAL B 83 23.88 34.75 -8.17
C VAL B 83 23.08 34.01 -7.10
N TRP B 84 22.08 34.68 -6.53
CA TRP B 84 21.16 34.09 -5.56
C TRP B 84 19.74 34.51 -5.86
N SER B 85 18.80 33.58 -5.65
CA SER B 85 17.40 33.90 -5.45
C SER B 85 16.91 33.07 -4.27
N ASP B 86 15.88 33.51 -3.52
CA ASP B 86 15.29 32.66 -2.50
C ASP B 86 14.51 31.51 -3.15
N GLN B 87 14.19 31.60 -4.46
CA GLN B 87 13.29 30.68 -5.13
C GLN B 87 13.98 30.06 -6.32
N PRO B 88 13.43 28.94 -6.84
CA PRO B 88 14.03 28.27 -8.00
C PRO B 88 14.18 29.13 -9.25
N PHE B 89 15.11 28.75 -10.10
CA PHE B 89 15.33 29.40 -11.37
C PHE B 89 15.82 28.38 -12.40
N SER B 90 15.90 28.83 -13.64
CA SER B 90 16.62 28.07 -14.63
C SER B 90 17.77 28.93 -15.14
N VAL B 91 18.84 28.27 -15.56
CA VAL B 91 20.04 28.90 -16.11
C VAL B 91 20.47 28.21 -17.40
N LYS B 92 20.80 29.05 -18.39
CA LYS B 92 21.36 28.63 -19.66
C LYS B 92 22.63 29.42 -19.94
N ARG B 93 23.65 28.75 -20.47
CA ARG B 93 24.77 29.50 -21.03
C ARG B 93 24.63 29.42 -22.54
N GLU B 94 24.47 30.58 -23.16
CA GLU B 94 24.44 30.66 -24.60
C GLU B 94 25.58 31.54 -25.02
N GLY B 95 26.48 30.99 -25.85
CA GLY B 95 27.77 31.63 -26.11
C GLY B 95 28.51 31.89 -24.81
N ASP B 96 28.77 33.19 -24.56
CA ASP B 96 29.50 33.65 -23.38
C ASP B 96 28.58 34.42 -22.44
N ILE B 97 27.25 34.18 -22.54
CA ILE B 97 26.30 34.87 -21.70
C ILE B 97 25.50 33.84 -20.91
N LEU B 98 25.36 34.06 -19.60
CA LEU B 98 24.34 33.38 -18.77
C LEU B 98 22.97 34.04 -18.90
N SER B 99 21.93 33.20 -19.05
CA SER B 99 20.55 33.68 -19.04
C SER B 99 19.83 32.97 -17.92
N ILE B 100 19.32 33.74 -16.96
CA ILE B 100 18.66 33.15 -15.82
C ILE B 100 17.21 33.60 -15.80
N SER B 101 16.29 32.67 -15.61
CA SER B 101 14.88 32.97 -15.51
C SER B 101 14.43 32.60 -14.10
N PHE B 102 14.01 33.56 -13.29
CA PHE B 102 13.68 33.37 -11.90
C PHE B 102 12.17 33.11 -11.78
N THR B 103 11.76 32.17 -10.93
CA THR B 103 10.35 32.09 -10.62
C THR B 103 9.97 33.24 -9.68
N GLY B 104 10.92 33.70 -8.87
CA GLY B 104 10.69 34.85 -7.99
C GLY B 104 11.56 36.01 -8.47
N THR B 105 12.47 36.47 -7.59
CA THR B 105 13.47 37.46 -8.00
C THR B 105 14.87 37.04 -7.57
N GLY B 106 15.85 37.53 -8.32
CA GLY B 106 17.23 37.24 -8.00
C GLY B 106 18.16 38.37 -8.44
N ALA B 107 19.45 38.25 -8.11
CA ALA B 107 20.44 39.27 -8.41
C ALA B 107 21.84 38.67 -8.53
N LEU B 108 22.65 39.37 -9.31
CA LEU B 108 24.09 39.18 -9.44
C LEU B 108 24.79 40.01 -8.39
N TYR B 109 25.85 39.45 -7.80
CA TYR B 109 26.65 40.13 -6.81
C TYR B 109 28.14 39.96 -7.15
N THR B 110 28.99 40.86 -6.65
CA THR B 110 30.42 40.75 -6.75
C THR B 110 31.07 40.90 -5.37
N ALA B 111 31.87 39.88 -4.98
CA ALA B 111 32.80 40.01 -3.88
C ALA B 111 34.12 40.64 -4.35
N SER B 112 34.61 41.65 -3.61
CA SER B 112 35.71 42.47 -4.08
C SER B 112 37.03 41.70 -4.07
N GLY B 113 37.13 40.65 -3.25
CA GLY B 113 38.32 39.78 -3.28
C GLY B 113 38.55 39.13 -4.64
N GLY B 114 37.49 38.81 -5.39
CA GLY B 114 37.64 38.38 -6.78
C GLY B 114 37.97 36.90 -6.98
N SER B 115 37.84 36.06 -5.94
CA SER B 115 38.06 34.63 -6.11
C SER B 115 36.79 33.84 -5.79
N LEU B 116 36.80 32.56 -6.18
CA LEU B 116 35.72 31.64 -5.89
C LEU B 116 35.45 31.60 -4.38
N LYS B 117 36.50 31.55 -3.58
CA LYS B 117 36.37 31.51 -2.13
C LYS B 117 35.64 32.75 -1.62
N ASP B 118 35.85 33.90 -2.29
CA ASP B 118 35.24 35.13 -1.83
C ASP B 118 33.74 35.06 -2.15
N ALA B 119 33.40 34.58 -3.35
CA ALA B 119 32.02 34.40 -3.77
C ALA B 119 31.29 33.47 -2.82
N TRP B 120 31.88 32.28 -2.55
CA TRP B 120 31.38 31.35 -1.54
C TRP B 120 31.15 32.03 -0.16
N GLY B 121 32.19 32.71 0.35
CA GLY B 121 32.11 33.28 1.70
C GLY B 121 31.05 34.38 1.80
N GLU B 122 30.91 35.21 0.77
CA GLU B 122 29.93 36.28 0.84
C GLU B 122 28.52 35.72 0.69
N ALA B 123 28.37 34.74 -0.22
CA ALA B 123 27.06 34.20 -0.49
C ALA B 123 26.58 33.44 0.75
N ALA B 124 27.46 32.68 1.40
CA ALA B 124 27.09 31.92 2.59
C ALA B 124 26.64 32.82 3.73
N ALA B 125 27.43 33.87 4.01
CA ALA B 125 27.12 34.79 5.10
C ALA B 125 25.81 35.58 4.85
N ARG B 126 25.48 35.86 3.58
CA ARG B 126 24.22 36.53 3.27
C ARG B 126 23.02 35.58 3.29
N PHE B 127 23.18 34.36 2.76
CA PHE B 127 22.04 33.56 2.33
C PHE B 127 21.97 32.18 2.98
N PHE B 128 23.07 31.61 3.52
CA PHE B 128 23.00 30.33 4.23
C PHE B 128 24.05 30.26 5.34
N PRO B 129 24.00 31.18 6.35
CA PRO B 129 25.05 31.26 7.36
C PRO B 129 25.12 29.96 8.16
N ALA B 130 26.34 29.62 8.59
CA ALA B 130 26.58 28.37 9.27
C ALA B 130 25.82 28.36 10.57
N SER B 131 25.21 27.21 10.91
CA SER B 131 24.31 27.14 12.05
C SER B 131 25.04 27.16 13.38
N GLY B 132 26.32 26.79 13.36
CA GLY B 132 27.11 26.57 14.57
C GLY B 132 27.11 25.12 15.02
N ARG B 133 26.41 24.25 14.31
CA ARG B 133 26.20 22.89 14.80
C ARG B 133 26.74 21.81 13.85
N LEU B 134 27.06 20.66 14.45
CA LEU B 134 27.52 19.49 13.73
C LEU B 134 26.46 18.40 13.73
N PRO B 135 26.41 17.54 12.70
CA PRO B 135 25.71 16.25 12.86
C PRO B 135 26.47 15.43 13.89
N ASP B 136 25.81 14.37 14.40
CA ASP B 136 26.42 13.43 15.31
C ASP B 136 27.83 13.04 14.84
N THR B 137 28.84 13.27 15.73
CA THR B 137 30.22 13.03 15.34
C THR B 137 30.49 11.54 15.05
N SER B 138 29.67 10.59 15.55
CA SER B 138 29.88 9.19 15.19
C SER B 138 29.84 8.99 13.68
N LEU B 139 29.22 9.90 12.97
CA LEU B 139 29.11 9.76 11.51
C LEU B 139 30.46 10.01 10.84
N PHE B 140 31.38 10.65 11.57
CA PHE B 140 32.69 11.03 11.03
C PHE B 140 33.86 10.20 11.60
N THR B 141 33.73 9.75 12.86
CA THR B 141 34.83 9.23 13.62
C THR B 141 35.02 7.76 13.33
N ALA B 142 34.17 7.17 12.47
CA ALA B 142 34.47 5.89 11.89
C ALA B 142 33.86 5.84 10.52
N PRO B 143 34.23 4.88 9.68
CA PRO B 143 33.50 4.60 8.45
C PRO B 143 32.07 4.24 8.78
N GLN B 144 31.19 4.54 7.81
CA GLN B 144 29.81 4.14 7.86
C GLN B 144 29.59 2.87 7.02
N TYR B 145 28.51 2.16 7.34
CA TYR B 145 28.16 0.92 6.64
C TYR B 145 26.67 0.87 6.44
N ASN B 146 26.28 0.46 5.22
CA ASN B 146 24.87 0.42 4.86
C ASN B 146 24.54 -0.98 4.34
N THR B 147 23.46 -1.56 4.88
CA THR B 147 23.05 -2.92 4.54
C THR B 147 22.53 -3.10 3.13
N TRP B 148 22.39 -2.03 2.38
CA TRP B 148 21.65 -2.10 1.12
C TRP B 148 22.26 -3.13 0.15
N ILE B 149 23.56 -3.05 -0.18
CA ILE B 149 24.06 -3.86 -1.28
C ILE B 149 24.06 -5.33 -0.88
N GLU B 150 24.41 -5.64 0.37
CA GLU B 150 24.56 -7.04 0.78
C GLU B 150 23.19 -7.68 0.94
N LEU B 151 22.18 -6.97 1.45
CA LEU B 151 20.92 -7.58 1.87
C LEU B 151 19.75 -7.23 0.95
N ILE B 152 19.89 -6.10 0.23
CA ILE B 152 18.88 -5.55 -0.67
C ILE B 152 17.55 -5.41 0.08
N TYR B 153 16.46 -5.98 -0.46
CA TYR B 153 15.15 -5.92 0.21
C TYR B 153 15.00 -6.93 1.37
N ASN B 154 15.93 -7.91 1.49
CA ASN B 154 15.83 -8.88 2.55
C ASN B 154 16.57 -8.33 3.77
N GLN B 155 16.00 -7.32 4.39
CA GLN B 155 16.54 -6.79 5.62
C GLN B 155 15.96 -7.61 6.77
N ASN B 156 16.82 -8.40 7.42
CA ASN B 156 16.37 -9.23 8.53
C ASN B 156 17.43 -9.28 9.62
N GLN B 157 16.99 -9.61 10.85
CA GLN B 157 17.81 -9.49 12.03
C GLN B 157 19.08 -10.35 11.92
N GLU B 158 18.90 -11.62 11.57
CA GLU B 158 20.02 -12.54 11.44
C GLU B 158 21.06 -12.01 10.44
N ASP B 159 20.63 -11.54 9.27
CA ASP B 159 21.59 -11.18 8.24
C ASP B 159 22.21 -9.81 8.57
N ILE B 160 21.52 -9.00 9.39
CA ILE B 160 22.09 -7.70 9.77
C ILE B 160 23.20 -7.95 10.77
N LEU B 161 22.92 -8.83 11.75
CA LEU B 161 23.88 -9.15 12.78
C LEU B 161 25.11 -9.81 12.15
N ARG B 162 24.88 -10.65 11.13
CA ARG B 162 25.99 -11.31 10.48
C ARG B 162 26.87 -10.29 9.78
N TYR B 163 26.26 -9.31 9.10
CA TYR B 163 27.05 -8.30 8.38
C TYR B 163 27.88 -7.53 9.40
N ALA B 164 27.28 -7.19 10.55
CA ALA B 164 28.02 -6.44 11.56
C ALA B 164 29.17 -7.28 12.11
N ARG B 165 28.91 -8.58 12.34
CA ARG B 165 29.96 -9.45 12.85
C ARG B 165 31.08 -9.59 11.82
N ASP B 166 30.72 -9.70 10.52
CA ASP B 166 31.73 -9.79 9.48
C ASP B 166 32.58 -8.52 9.45
N ILE B 167 31.95 -7.34 9.58
CA ILE B 167 32.72 -6.10 9.62
C ILE B 167 33.79 -6.20 10.70
N VAL B 168 33.40 -6.52 11.94
CA VAL B 168 34.33 -6.65 13.04
C VAL B 168 35.39 -7.73 12.76
N ALA B 169 34.94 -8.93 12.39
CA ALA B 169 35.85 -10.05 12.20
C ALA B 169 36.89 -9.76 11.14
N ASN B 170 36.52 -8.99 10.09
CA ASN B 170 37.48 -8.66 9.04
C ASN B 170 38.39 -7.49 9.43
N GLY B 171 38.25 -7.00 10.67
CA GLY B 171 39.18 -5.99 11.15
C GLY B 171 38.78 -4.59 10.70
N PHE B 172 37.54 -4.41 10.28
CA PHE B 172 37.07 -3.06 9.99
C PHE B 172 36.51 -2.45 11.28
N PRO B 173 36.65 -1.12 11.44
CA PRO B 173 36.17 -0.46 12.64
C PRO B 173 34.63 -0.34 12.65
N PRO B 174 34.01 -0.67 13.80
CA PRO B 174 32.61 -0.41 14.02
C PRO B 174 32.33 1.08 13.82
N GLY B 175 31.21 1.37 13.15
CA GLY B 175 30.76 2.74 12.92
C GLY B 175 29.23 2.77 12.92
N VAL B 176 28.71 3.80 12.30
CA VAL B 176 27.28 3.89 12.05
C VAL B 176 26.89 2.84 11.02
N LEU B 177 25.85 2.06 11.41
CA LEU B 177 25.28 1.03 10.55
C LEU B 177 23.86 1.48 10.20
N MET B 178 23.64 1.62 8.90
CA MET B 178 22.34 2.01 8.35
C MET B 178 21.62 0.78 7.80
N ILE B 179 20.47 0.51 8.41
CA ILE B 179 19.55 -0.50 7.91
C ILE B 179 18.66 0.15 6.84
N ASP B 180 18.77 -0.33 5.60
CA ASP B 180 18.18 0.37 4.47
C ASP B 180 16.72 -0.03 4.31
N ASP B 181 16.17 0.23 3.16
CA ASP B 181 14.72 0.10 2.95
C ASP B 181 14.29 -1.34 3.22
N ASN B 182 13.12 -1.49 3.84
CA ASN B 182 12.29 -2.68 3.88
C ASN B 182 12.36 -3.39 5.23
N TRP B 183 12.68 -2.67 6.30
CA TRP B 183 12.74 -3.26 7.61
C TRP B 183 11.39 -3.26 8.33
N PHE B 184 10.38 -2.65 7.69
CA PHE B 184 9.05 -2.34 8.26
C PHE B 184 8.01 -3.11 7.47
N PRO B 185 6.79 -3.33 8.01
CA PRO B 185 5.72 -4.04 7.27
C PRO B 185 5.26 -3.43 5.95
N TYR B 186 5.09 -2.08 5.95
CA TYR B 186 4.69 -1.31 4.78
C TYR B 186 5.07 0.16 5.00
N TYR B 187 5.07 0.94 3.91
CA TYR B 187 5.44 2.36 3.98
C TYR B 187 4.46 3.11 4.85
N GLY B 188 4.97 3.75 5.90
CA GLY B 188 4.11 4.51 6.79
C GLY B 188 3.87 3.78 8.11
N ASN B 189 4.24 2.50 8.18
CA ASN B 189 4.32 1.76 9.41
C ASN B 189 5.77 1.79 9.92
N PHE B 190 6.02 2.51 11.03
CA PHE B 190 7.35 2.73 11.58
C PHE B 190 7.55 1.77 12.74
N SER B 191 7.68 0.49 12.39
CA SER B 191 7.93 -0.62 13.29
C SER B 191 8.70 -1.68 12.52
N PHE B 192 9.49 -2.49 13.24
CA PHE B 192 10.20 -3.60 12.64
C PHE B 192 9.22 -4.71 12.30
N ARG B 193 9.33 -5.28 11.08
CA ARG B 193 8.47 -6.39 10.74
C ARG B 193 8.86 -7.63 11.56
N LYS B 194 7.92 -8.15 12.38
CA LYS B 194 8.26 -9.15 13.38
C LYS B 194 8.61 -10.45 12.69
N ASP B 195 8.17 -10.67 11.45
CA ASP B 195 8.51 -11.92 10.76
C ASP B 195 10.01 -12.00 10.55
N ARG B 196 10.68 -10.87 10.28
CA ARG B 196 12.11 -10.91 10.00
C ARG B 196 12.96 -10.37 11.16
N PHE B 197 12.33 -9.72 12.15
CA PHE B 197 13.01 -9.17 13.33
C PHE B 197 12.33 -9.69 14.60
N PRO B 198 12.63 -10.92 15.04
CA PRO B 198 11.97 -11.48 16.23
C PRO B 198 12.26 -10.70 17.50
N ASP B 199 13.45 -10.08 17.59
CA ASP B 199 13.80 -9.27 18.75
C ASP B 199 14.61 -8.05 18.30
N ALA B 200 13.96 -7.06 17.71
CA ALA B 200 14.73 -5.92 17.18
C ALA B 200 15.42 -5.17 18.30
N ALA B 201 14.80 -5.03 19.49
CA ALA B 201 15.46 -4.30 20.57
C ALA B 201 16.75 -5.03 20.99
N GLY B 202 16.66 -6.37 21.14
CA GLY B 202 17.84 -7.22 21.40
C GLY B 202 18.92 -7.01 20.34
N MET B 203 18.50 -7.00 19.07
CA MET B 203 19.42 -6.82 17.96
C MET B 203 20.14 -5.48 18.10
N ILE B 204 19.41 -4.40 18.39
CA ILE B 204 20.05 -3.09 18.51
C ILE B 204 21.02 -3.10 19.71
N SER B 205 20.62 -3.75 20.80
CA SER B 205 21.48 -3.77 21.98
C SER B 205 22.79 -4.51 21.67
N THR B 206 22.72 -5.59 20.88
CA THR B 206 23.91 -6.33 20.46
C THR B 206 24.79 -5.47 19.55
N LEU B 207 24.15 -4.75 18.63
CA LEU B 207 24.90 -3.88 17.74
C LEU B 207 25.61 -2.76 18.53
N HIS B 208 24.90 -2.12 19.46
CA HIS B 208 25.48 -1.09 20.32
C HIS B 208 26.70 -1.64 21.06
N GLY B 209 26.56 -2.86 21.60
CA GLY B 209 27.63 -3.52 22.35
C GLY B 209 28.90 -3.66 21.52
N MET B 210 28.70 -3.99 20.24
CA MET B 210 29.79 -4.23 19.31
C MET B 210 30.41 -2.90 18.86
N GLY B 211 29.85 -1.76 19.27
CA GLY B 211 30.41 -0.46 18.97
C GLY B 211 29.73 0.22 17.78
N PHE B 212 28.61 -0.32 17.27
CA PHE B 212 27.89 0.30 16.18
C PHE B 212 26.81 1.20 16.75
N LYS B 213 26.53 2.28 16.02
CA LYS B 213 25.28 3.01 16.15
C LYS B 213 24.40 2.60 14.98
N VAL B 214 23.11 2.83 15.13
CA VAL B 214 22.17 2.32 14.13
C VAL B 214 21.20 3.39 13.66
N MET B 215 21.09 3.43 12.32
CA MET B 215 20.20 4.30 11.63
C MET B 215 19.21 3.44 10.81
N LEU B 216 17.99 3.94 10.67
CA LEU B 216 16.93 3.33 9.86
C LEU B 216 16.56 4.24 8.69
N TRP B 217 16.39 3.61 7.54
CA TRP B 217 15.82 4.25 6.36
C TRP B 217 14.35 4.61 6.59
N VAL B 218 14.00 5.87 6.32
CA VAL B 218 12.63 6.34 6.36
C VAL B 218 12.36 7.21 5.14
N CYS B 219 11.04 7.41 4.87
CA CYS B 219 10.56 8.22 3.77
C CYS B 219 9.19 8.77 4.13
N PRO B 220 8.67 9.72 3.34
CA PRO B 220 7.38 10.32 3.62
C PRO B 220 6.18 9.66 2.91
N PHE B 221 6.40 8.50 2.25
CA PHE B 221 5.34 7.84 1.48
C PHE B 221 4.55 6.88 2.38
N LEU B 222 3.24 6.70 2.09
CA LEU B 222 2.35 5.85 2.88
C LEU B 222 1.61 4.92 1.94
N SER B 223 1.74 3.59 2.20
CA SER B 223 1.01 2.59 1.45
C SER B 223 -0.47 2.97 1.51
N PRO B 224 -1.09 3.22 0.36
CA PRO B 224 -2.37 3.96 0.37
C PRO B 224 -3.63 3.15 0.58
N ASP B 225 -3.53 1.96 1.21
CA ASP B 225 -4.76 1.22 1.54
C ASP B 225 -4.68 0.64 2.96
N THR B 226 -3.83 1.25 3.78
CA THR B 226 -3.50 0.72 5.10
C THR B 226 -4.08 1.58 6.22
N GLU B 227 -4.02 1.03 7.45
CA GLU B 227 -4.39 1.71 8.69
C GLU B 227 -3.61 3.05 8.80
N ALA B 228 -2.30 3.04 8.55
CA ALA B 228 -1.51 4.27 8.65
C ALA B 228 -2.05 5.34 7.69
N PHE B 229 -2.33 4.89 6.46
CA PHE B 229 -2.79 5.79 5.43
C PHE B 229 -4.14 6.40 5.84
N ARG B 230 -5.08 5.58 6.31
CA ARG B 230 -6.38 6.06 6.73
C ARG B 230 -6.27 7.01 7.93
N GLU B 231 -5.36 6.70 8.87
CA GLU B 231 -5.07 7.60 9.99
C GLU B 231 -4.54 8.95 9.48
N ALA B 232 -3.56 8.94 8.56
CA ALA B 232 -2.99 10.17 8.04
C ALA B 232 -4.05 10.97 7.28
N LEU B 233 -4.89 10.27 6.52
CA LEU B 233 -5.94 10.96 5.76
C LEU B 233 -6.94 11.63 6.72
N ALA B 234 -7.35 10.90 7.78
CA ALA B 234 -8.25 11.45 8.79
C ALA B 234 -7.67 12.68 9.46
N LYS B 235 -6.38 12.68 9.78
CA LYS B 235 -5.71 13.84 10.39
C LYS B 235 -5.39 14.97 9.40
N ARG B 236 -5.56 14.66 8.12
CA ARG B 236 -5.41 15.58 7.03
C ARG B 236 -3.94 16.02 6.90
N ILE B 237 -3.00 15.08 7.13
CA ILE B 237 -1.59 15.41 7.08
C ILE B 237 -0.98 15.02 5.74
N VAL B 238 -1.78 14.41 4.86
CA VAL B 238 -1.32 14.04 3.52
C VAL B 238 -1.46 15.22 2.55
N LEU B 239 -0.77 15.14 1.42
CA LEU B 239 -1.04 16.03 0.30
C LEU B 239 -2.32 15.59 -0.37
N PHE B 240 -3.12 16.60 -0.79
CA PHE B 240 -4.40 16.29 -1.40
C PHE B 240 -4.36 16.47 -2.90
N ASP B 241 -5.30 15.82 -3.55
CA ASP B 241 -5.50 15.82 -4.99
C ASP B 241 -6.36 17.03 -5.36
N SER B 242 -5.82 17.88 -6.25
CA SER B 242 -6.52 19.10 -6.66
C SER B 242 -7.59 18.80 -7.72
N LYS B 243 -7.57 17.59 -8.29
CA LYS B 243 -8.54 17.22 -9.32
C LYS B 243 -8.33 18.05 -10.58
N GLY B 244 -7.20 18.73 -10.68
CA GLY B 244 -6.98 19.65 -11.80
C GLY B 244 -7.83 20.92 -11.71
N SER B 245 -8.51 21.13 -10.57
CA SER B 245 -9.32 22.31 -10.35
C SER B 245 -8.44 23.50 -10.00
N ASP B 246 -8.76 24.67 -10.58
CA ASP B 246 -8.07 25.91 -10.33
C ASP B 246 -8.55 26.52 -9.02
N THR B 247 -9.70 26.09 -8.51
CA THR B 247 -10.35 26.78 -7.42
C THR B 247 -10.40 25.95 -6.14
N LEU B 248 -10.32 24.61 -6.25
CA LEU B 248 -10.47 23.77 -5.08
C LEU B 248 -9.39 24.13 -4.06
N GLN B 249 -9.82 24.34 -2.80
CA GLN B 249 -8.92 24.70 -1.71
C GLN B 249 -8.55 23.47 -0.88
N TRP B 250 -7.34 23.51 -0.30
CA TRP B 250 -6.82 22.48 0.58
C TRP B 250 -7.92 22.10 1.57
N GLN B 251 -8.55 23.09 2.19
CA GLN B 251 -9.41 22.76 3.33
C GLN B 251 -10.66 22.02 2.87
N HIS B 252 -10.91 21.93 1.57
CA HIS B 252 -12.14 21.27 1.12
C HIS B 252 -11.86 20.01 0.32
N ALA B 253 -10.59 19.72 0.05
CA ALA B 253 -10.21 18.54 -0.71
C ALA B 253 -10.48 17.30 0.13
N VAL B 254 -10.82 16.20 -0.53
CA VAL B 254 -11.10 14.98 0.24
C VAL B 254 -10.18 13.83 -0.16
N ASP B 255 -9.68 13.81 -1.40
CA ASP B 255 -8.87 12.69 -1.84
C ASP B 255 -7.38 13.01 -1.73
N PRO B 256 -6.59 12.00 -1.36
CA PRO B 256 -5.14 12.16 -1.26
C PRO B 256 -4.53 12.19 -2.64
N ALA B 257 -3.42 12.92 -2.75
CA ALA B 257 -2.55 12.77 -3.89
C ALA B 257 -1.96 11.36 -3.87
N ILE B 258 -1.91 10.72 -5.03
CA ILE B 258 -1.20 9.48 -5.20
C ILE B 258 -0.01 9.73 -6.11
N VAL B 259 1.20 9.32 -5.63
CA VAL B 259 2.45 9.61 -6.32
C VAL B 259 3.10 8.30 -6.74
N HIS B 260 3.58 8.28 -7.98
CA HIS B 260 4.32 7.16 -8.55
C HIS B 260 5.80 7.41 -8.32
N TRP B 261 6.46 6.51 -7.60
CA TRP B 261 7.89 6.53 -7.38
C TRP B 261 8.43 5.14 -7.63
N TRP B 262 9.71 4.97 -7.33
CA TRP B 262 10.43 3.79 -7.81
C TRP B 262 9.87 2.52 -7.18
N ASN B 263 9.34 2.57 -5.93
CA ASN B 263 8.75 1.39 -5.31
C ASN B 263 7.26 1.16 -5.66
N GLY B 264 6.61 2.15 -6.31
CA GLY B 264 5.22 1.99 -6.71
C GLY B 264 4.41 3.27 -6.53
N TYR B 265 3.21 3.13 -5.92
CA TYR B 265 2.22 4.18 -5.82
C TYR B 265 1.83 4.37 -4.35
N SER B 266 1.91 5.63 -3.86
CA SER B 266 1.73 5.93 -2.44
C SER B 266 1.07 7.31 -2.27
N ALA B 267 0.46 7.47 -1.08
CA ALA B 267 0.12 8.76 -0.53
C ALA B 267 1.41 9.41 -0.02
N VAL B 268 1.38 10.71 0.31
CA VAL B 268 2.62 11.30 0.76
C VAL B 268 2.30 12.38 1.78
N LEU B 269 3.19 12.52 2.76
CA LEU B 269 3.02 13.56 3.77
C LEU B 269 3.20 14.95 3.14
N ASP B 270 2.42 15.89 3.67
CA ASP B 270 2.51 17.31 3.32
C ASP B 270 3.46 18.01 4.29
N GLY B 271 4.66 18.30 3.80
CA GLY B 271 5.71 18.88 4.61
C GLY B 271 5.37 20.31 5.05
N SER B 272 4.31 20.90 4.45
CA SER B 272 3.93 22.24 4.81
C SER B 272 2.98 22.23 6.00
N ASN B 273 2.54 21.03 6.37
CA ASN B 273 1.45 20.92 7.33
C ASN B 273 2.09 20.68 8.69
N PRO B 274 2.00 21.61 9.65
CA PRO B 274 2.57 21.39 10.98
C PRO B 274 2.16 20.06 11.65
N ASP B 275 0.97 19.55 11.36
CA ASP B 275 0.49 18.28 11.93
C ASP B 275 1.23 17.09 11.32
N ALA B 276 1.75 17.23 10.09
CA ALA B 276 2.58 16.18 9.52
C ALA B 276 3.94 16.09 10.25
N VAL B 277 4.47 17.24 10.70
CA VAL B 277 5.70 17.28 11.47
C VAL B 277 5.43 16.57 12.79
N THR B 278 4.27 16.83 13.41
CA THR B 278 3.97 16.20 14.68
C THR B 278 3.92 14.66 14.53
N TRP B 279 3.25 14.22 13.47
CA TRP B 279 3.12 12.80 13.20
C TRP B 279 4.49 12.15 12.98
N MET B 280 5.35 12.80 12.19
CA MET B 280 6.64 12.23 11.86
C MET B 280 7.48 12.14 13.13
N ARG B 281 7.44 13.18 13.96
CA ARG B 281 8.19 13.17 15.21
C ARG B 281 7.72 12.01 16.11
N GLU B 282 6.41 11.84 16.25
CA GLU B 282 5.84 10.74 17.03
C GLU B 282 6.41 9.41 16.56
N LYS B 283 6.53 9.23 15.24
CA LYS B 283 6.97 7.96 14.68
C LYS B 283 8.45 7.75 14.96
N LEU B 284 9.26 8.76 14.66
CA LEU B 284 10.70 8.66 14.84
C LEU B 284 11.07 8.63 16.32
N ASP B 285 10.44 9.46 17.16
CA ASP B 285 10.69 9.43 18.58
C ASP B 285 10.33 8.07 19.12
N GLY B 286 9.25 7.44 18.61
CA GLY B 286 8.83 6.10 19.02
C GLY B 286 9.92 5.03 18.78
N LEU B 287 10.57 5.09 17.60
CA LEU B 287 11.58 4.13 17.24
C LEU B 287 12.79 4.31 18.16
N GLN B 288 13.15 5.59 18.48
CA GLN B 288 14.21 5.88 19.42
C GLN B 288 13.87 5.33 20.80
N GLN B 289 12.69 5.61 21.32
CA GLN B 289 12.35 5.17 22.66
C GLN B 289 12.21 3.63 22.71
N GLN B 290 11.50 3.04 21.76
CA GLN B 290 11.18 1.63 21.91
C GLN B 290 12.39 0.76 21.63
N TYR B 291 13.21 1.10 20.64
CA TYR B 291 14.22 0.16 20.18
C TYR B 291 15.66 0.69 20.34
N GLY B 292 15.88 1.97 20.73
CA GLY B 292 17.22 2.52 20.96
C GLY B 292 17.90 3.03 19.67
N ILE B 293 17.13 3.29 18.61
CA ILE B 293 17.62 3.75 17.31
C ILE B 293 18.30 5.12 17.46
N ASP B 294 19.48 5.27 16.81
CA ASP B 294 20.33 6.43 16.99
C ASP B 294 19.95 7.56 16.05
N GLY B 295 19.50 7.20 14.85
CA GLY B 295 19.11 8.17 13.85
C GLY B 295 18.45 7.56 12.62
N PHE B 296 18.38 8.37 11.56
CA PHE B 296 17.52 8.07 10.42
C PHE B 296 18.17 8.49 9.11
N LYS B 297 18.10 7.60 8.12
CA LYS B 297 18.44 7.93 6.76
C LYS B 297 17.13 8.35 6.07
N PHE B 298 16.99 9.66 5.78
CA PHE B 298 15.83 10.28 5.15
C PHE B 298 15.98 10.22 3.63
N ASP B 299 15.23 9.30 3.02
CA ASP B 299 15.25 9.15 1.58
C ASP B 299 13.97 9.78 1.02
N ALA B 300 13.91 9.79 -0.31
CA ALA B 300 12.88 10.47 -1.08
C ALA B 300 12.84 11.94 -0.68
N GLY B 301 11.67 12.58 -0.80
CA GLY B 301 11.58 14.01 -0.62
C GLY B 301 11.96 14.79 -1.88
N ASP B 302 12.33 14.09 -2.95
CA ASP B 302 12.71 14.74 -4.18
C ASP B 302 11.61 15.69 -4.65
N ALA B 303 12.01 16.89 -5.06
CA ALA B 303 11.04 17.87 -5.54
C ALA B 303 10.06 17.30 -6.58
N GLU B 304 10.54 16.46 -7.50
CA GLU B 304 9.70 16.01 -8.62
C GLU B 304 8.45 15.25 -8.14
N PHE B 305 8.49 14.67 -6.92
CA PHE B 305 7.35 13.94 -6.37
C PHE B 305 6.18 14.85 -5.99
N TYR B 306 6.42 16.15 -5.96
CA TYR B 306 5.43 17.10 -5.47
C TYR B 306 4.80 17.88 -6.62
N LEU B 307 5.06 17.50 -7.86
CA LEU B 307 4.52 18.18 -9.01
C LEU B 307 3.13 17.64 -9.31
N GLY B 308 2.33 18.46 -9.99
CA GLY B 308 1.08 18.02 -10.60
C GLY B 308 -0.15 18.50 -9.83
N ASN B 309 -1.22 17.72 -9.86
CA ASN B 309 -2.46 18.15 -9.23
C ASN B 309 -2.45 17.98 -7.71
N ILE B 310 -1.71 18.83 -7.02
CA ILE B 310 -1.48 18.62 -5.61
C ILE B 310 -1.83 19.87 -4.84
N LEU B 311 -2.48 19.73 -3.69
CA LEU B 311 -2.76 20.83 -2.78
C LEU B 311 -2.10 20.62 -1.42
N SER B 312 -1.37 21.63 -0.99
CA SER B 312 -0.64 21.67 0.28
C SER B 312 -1.28 22.68 1.21
N ARG B 313 -1.17 22.44 2.51
CA ARG B 313 -1.90 23.26 3.46
C ARG B 313 -1.44 24.72 3.39
N GLU B 314 -0.13 24.96 3.24
CA GLU B 314 0.43 26.32 3.26
C GLU B 314 0.78 26.73 1.83
N LYS B 315 0.29 26.01 0.82
CA LYS B 315 0.38 26.46 -0.56
C LYS B 315 1.85 26.74 -0.93
N ILE B 316 2.76 25.78 -0.71
CA ILE B 316 4.17 25.91 -1.05
C ILE B 316 4.45 25.12 -2.34
N GLY B 317 5.57 25.42 -2.98
CA GLY B 317 6.01 24.72 -4.18
C GLY B 317 6.73 23.40 -3.87
N ALA B 318 7.01 22.67 -4.95
CA ALA B 318 7.58 21.34 -4.88
C ALA B 318 8.99 21.40 -4.27
N ASN B 319 9.77 22.43 -4.65
CA ASN B 319 11.10 22.55 -4.08
C ASN B 319 11.03 22.69 -2.57
N GLU B 320 10.11 23.48 -2.07
CA GLU B 320 10.07 23.71 -0.63
C GLU B 320 9.52 22.48 0.11
N GLN B 321 8.76 21.60 -0.56
CA GLN B 321 8.35 20.33 0.07
C GLN B 321 9.63 19.54 0.41
N CYS B 322 10.57 19.50 -0.52
CA CYS B 322 11.86 18.85 -0.38
C CYS B 322 12.65 19.50 0.74
N GLU B 323 12.67 20.83 0.79
CA GLU B 323 13.41 21.57 1.80
C GLU B 323 12.86 21.27 3.18
N ARG B 324 11.56 21.15 3.29
CA ARG B 324 10.89 20.99 4.60
C ARG B 324 11.05 19.55 5.09
N TRP B 325 11.10 18.59 4.18
CA TRP B 325 11.52 17.24 4.54
C TRP B 325 12.90 17.30 5.20
N GLY B 326 13.83 18.06 4.56
CA GLY B 326 15.19 18.25 5.06
C GLY B 326 15.26 18.79 6.48
N ARG B 327 14.34 19.69 6.85
CA ARG B 327 14.33 20.26 8.19
C ARG B 327 14.05 19.23 9.27
N ILE B 328 13.40 18.10 8.94
CA ILE B 328 13.12 17.13 10.00
C ILE B 328 14.47 16.68 10.65
N GLY B 329 15.50 16.57 9.83
CA GLY B 329 16.83 16.18 10.28
C GLY B 329 17.44 17.09 11.34
N LEU B 330 17.00 18.34 11.37
CA LEU B 330 17.47 19.28 12.39
C LEU B 330 17.13 18.79 13.80
N LEU B 331 16.16 17.85 13.89
CA LEU B 331 15.72 17.32 15.17
C LEU B 331 16.46 16.03 15.52
N TYR B 332 17.18 15.46 14.55
CA TYR B 332 17.84 14.16 14.71
C TYR B 332 19.31 14.36 14.26
N PRO B 333 20.22 14.66 15.19
CA PRO B 333 21.62 14.92 14.80
C PRO B 333 22.26 13.83 13.96
N MET B 334 21.80 12.58 14.15
CA MET B 334 22.33 11.51 13.33
C MET B 334 21.34 11.31 12.20
N ASN B 335 21.69 11.87 11.01
CA ASN B 335 20.83 11.86 9.86
C ASN B 335 21.66 11.76 8.59
N GLU B 336 20.98 11.50 7.49
CA GLU B 336 21.53 11.55 6.14
C GLU B 336 20.39 11.80 5.14
N TYR B 337 20.66 12.71 4.19
CA TYR B 337 19.75 13.05 3.11
C TYR B 337 20.46 12.87 1.77
N ARG B 338 19.68 12.61 0.74
CA ARG B 338 20.16 12.56 -0.64
C ARG B 338 19.49 13.70 -1.41
N ALA B 339 18.16 13.75 -1.38
CA ALA B 339 17.41 14.85 -1.98
C ALA B 339 17.42 16.06 -1.06
N MET B 340 17.68 17.22 -1.63
CA MET B 340 17.64 18.43 -0.82
C MET B 340 17.43 19.66 -1.72
N TRP B 341 16.72 20.62 -1.13
CA TRP B 341 16.61 22.00 -1.59
C TRP B 341 17.01 22.90 -0.44
N LYS B 342 18.02 23.72 -0.67
CA LYS B 342 18.51 24.68 0.30
C LYS B 342 18.99 23.91 1.54
N ASN B 343 18.76 24.50 2.73
CA ASN B 343 19.35 24.00 3.96
C ASN B 343 20.88 23.96 3.91
N GLY B 344 21.50 24.85 3.15
CA GLY B 344 22.91 25.12 3.30
C GLY B 344 23.24 25.65 4.71
N GLY B 345 24.46 25.31 5.20
CA GLY B 345 24.90 25.75 6.52
C GLY B 345 24.21 25.08 7.70
N GLN B 346 23.57 23.93 7.44
CA GLN B 346 22.79 23.22 8.43
C GLN B 346 23.46 21.88 8.80
N PRO B 347 23.18 21.35 10.02
CA PRO B 347 23.77 20.12 10.50
C PRO B 347 23.08 18.88 9.93
N LEU B 348 23.14 18.73 8.61
CA LEU B 348 22.63 17.59 7.91
C LEU B 348 23.78 16.96 7.17
N VAL B 349 23.84 15.61 7.21
CA VAL B 349 24.70 14.89 6.30
C VAL B 349 24.00 14.82 4.95
N GLU B 350 24.78 15.15 3.91
CA GLU B 350 24.28 15.19 2.58
C GLU B 350 25.08 14.16 1.78
N ARG B 351 24.41 13.08 1.37
CA ARG B 351 25.07 12.01 0.65
C ARG B 351 24.94 12.26 -0.84
N LEU B 352 26.03 12.10 -1.57
CA LEU B 352 25.94 12.03 -3.01
C LEU B 352 25.06 10.82 -3.34
N ARG B 353 24.30 10.93 -4.45
CA ARG B 353 23.29 9.93 -4.81
C ARG B 353 23.98 8.64 -5.27
N ASP B 354 23.16 7.59 -5.29
CA ASP B 354 23.48 6.28 -5.81
C ASP B 354 24.44 6.40 -6.99
N LYS B 355 25.63 5.82 -6.85
CA LYS B 355 26.60 5.83 -7.92
C LYS B 355 26.60 4.46 -8.61
N TYR B 356 26.82 4.46 -9.92
CA TYR B 356 27.00 3.21 -10.64
C TYR B 356 28.40 2.65 -10.37
N HIS B 357 28.53 1.36 -10.67
CA HIS B 357 29.81 0.67 -10.55
C HIS B 357 30.58 0.93 -11.83
N THR B 358 30.96 2.20 -12.01
CA THR B 358 31.73 2.60 -13.19
C THR B 358 32.86 3.54 -12.81
N TRP B 359 33.87 3.55 -13.70
CA TRP B 359 34.98 4.50 -13.61
C TRP B 359 34.49 5.93 -13.79
N GLU B 360 33.50 6.11 -14.66
CA GLU B 360 32.92 7.44 -14.87
C GLU B 360 32.35 7.93 -13.53
N ASP B 361 31.68 7.06 -12.77
CA ASP B 361 31.04 7.53 -11.55
C ASP B 361 32.05 7.77 -10.42
N VAL B 362 33.13 6.98 -10.38
CA VAL B 362 34.11 7.24 -9.35
C VAL B 362 34.75 8.60 -9.59
N ARG B 363 34.85 9.01 -10.86
CA ARG B 363 35.42 10.31 -11.20
C ARG B 363 34.49 11.49 -10.90
N LYS B 364 33.19 11.24 -10.63
CA LYS B 364 32.29 12.27 -10.19
C LYS B 364 32.47 12.60 -8.70
N LEU B 365 33.01 11.70 -7.89
CA LEU B 365 32.92 11.90 -6.45
C LEU B 365 33.53 13.23 -6.01
N ILE B 366 34.72 13.58 -6.54
CA ILE B 366 35.40 14.78 -6.09
C ILE B 366 34.63 16.04 -6.52
N PRO B 367 34.35 16.27 -7.80
CA PRO B 367 33.68 17.52 -8.20
C PRO B 367 32.26 17.63 -7.64
N HIS B 368 31.58 16.50 -7.43
CA HIS B 368 30.25 16.55 -6.82
C HIS B 368 30.36 16.99 -5.36
N ALA B 369 31.35 16.41 -4.68
CA ALA B 369 31.57 16.69 -3.25
C ALA B 369 32.08 18.13 -3.05
N SER B 370 32.92 18.65 -3.96
CA SER B 370 33.47 19.98 -3.81
C SER B 370 32.38 21.02 -4.04
N LEU B 371 31.55 20.79 -5.07
CA LEU B 371 30.38 21.63 -5.32
C LEU B 371 29.45 21.60 -4.11
N ALA B 372 29.15 20.42 -3.58
CA ALA B 372 28.30 20.29 -2.39
C ALA B 372 28.74 21.28 -1.32
N GLY B 373 30.05 21.27 -1.08
CA GLY B 373 30.62 22.14 -0.08
C GLY B 373 30.36 23.63 -0.34
N LEU B 374 30.52 24.04 -1.59
CA LEU B 374 30.30 25.44 -1.99
C LEU B 374 28.81 25.82 -1.88
N LEU B 375 27.89 24.84 -1.98
CA LEU B 375 26.45 25.12 -1.88
C LEU B 375 26.02 25.02 -0.43
N GLY B 376 26.95 24.86 0.51
CA GLY B 376 26.58 24.90 1.91
C GLY B 376 26.49 23.53 2.55
N TYR B 377 26.87 22.49 1.79
CA TYR B 377 26.83 21.12 2.26
C TYR B 377 28.20 20.60 2.69
N SER B 378 28.71 21.08 3.83
CA SER B 378 30.06 20.75 4.26
C SER B 378 30.16 19.26 4.61
N PHE B 379 29.06 18.70 5.15
CA PHE B 379 29.09 17.38 5.71
C PHE B 379 28.65 16.40 4.61
N VAL B 380 29.51 16.20 3.60
CA VAL B 380 29.18 15.44 2.42
C VAL B 380 29.87 14.05 2.45
N CYS B 381 29.11 13.02 2.10
CA CYS B 381 29.55 11.63 2.11
C CYS B 381 29.35 11.14 0.69
N PRO B 382 30.40 10.64 0.05
CA PRO B 382 30.34 10.32 -1.38
C PRO B 382 29.71 8.96 -1.77
N ASP B 383 28.47 8.75 -1.33
CA ASP B 383 27.68 7.58 -1.64
C ASP B 383 28.38 6.36 -1.02
N MET B 384 28.50 5.27 -1.78
CA MET B 384 28.84 3.95 -1.25
C MET B 384 30.01 3.39 -2.04
N ILE B 385 31.06 2.97 -1.31
CA ILE B 385 32.28 2.47 -1.92
C ILE B 385 31.96 1.34 -2.88
N GLY B 386 32.34 1.55 -4.15
CA GLY B 386 32.16 0.53 -5.19
C GLY B 386 30.85 0.71 -5.96
N GLY B 387 29.99 1.61 -5.49
CA GLY B 387 28.71 1.87 -6.13
C GLY B 387 27.55 1.68 -5.17
N GLY B 388 26.46 2.42 -5.41
CA GLY B 388 25.30 2.37 -4.52
C GLY B 388 24.04 1.88 -5.25
N ASP B 389 24.16 1.62 -6.57
CA ASP B 389 23.06 1.18 -7.39
C ASP B 389 23.13 -0.35 -7.43
N PHE B 390 22.06 -1.01 -6.92
CA PHE B 390 22.01 -2.44 -6.64
C PHE B 390 21.91 -3.31 -7.89
N SER B 391 21.67 -2.71 -9.08
CA SER B 391 21.60 -3.47 -10.33
C SER B 391 22.92 -3.39 -11.10
N SER B 392 23.78 -2.40 -10.76
CA SER B 392 25.21 -2.47 -11.07
C SER B 392 25.85 -3.72 -10.46
N PHE B 393 25.17 -4.27 -9.44
CA PHE B 393 25.50 -5.55 -8.82
C PHE B 393 24.32 -6.53 -8.96
N LYS B 398 31.72 -10.08 -12.97
CA LYS B 398 31.57 -8.74 -13.61
C LYS B 398 32.12 -7.60 -12.76
N LEU B 399 32.21 -7.74 -11.41
CA LEU B 399 32.66 -6.63 -10.56
C LEU B 399 34.14 -6.34 -10.83
N ASP B 400 34.49 -5.07 -10.82
CA ASP B 400 35.85 -4.58 -11.04
C ASP B 400 36.49 -4.30 -9.67
N GLN B 401 37.42 -5.16 -9.29
CA GLN B 401 38.00 -5.11 -7.95
C GLN B 401 38.81 -3.81 -7.78
N GLU B 402 39.51 -3.45 -8.86
CA GLU B 402 40.38 -2.30 -8.85
C GLU B 402 39.54 -1.05 -8.60
N LEU B 403 38.34 -1.04 -9.19
CA LEU B 403 37.43 0.09 -9.10
C LEU B 403 36.98 0.27 -7.65
N ILE B 404 36.72 -0.86 -6.99
CA ILE B 404 36.31 -0.85 -5.60
C ILE B 404 37.43 -0.28 -4.73
N VAL B 405 38.67 -0.70 -5.00
CA VAL B 405 39.81 -0.17 -4.26
C VAL B 405 39.92 1.35 -4.48
N ARG B 406 39.93 1.80 -5.73
CA ARG B 406 40.06 3.22 -5.99
C ARG B 406 38.91 4.01 -5.36
N SER B 407 37.69 3.47 -5.41
CA SER B 407 36.52 4.06 -4.78
C SER B 407 36.77 4.22 -3.27
N ALA B 408 37.22 3.16 -2.62
CA ALA B 408 37.55 3.23 -1.20
C ALA B 408 38.61 4.29 -0.87
N GLN B 409 39.64 4.36 -1.73
CA GLN B 409 40.76 5.23 -1.49
C GLN B 409 40.33 6.70 -1.67
N CYS B 410 39.35 6.90 -2.55
CA CYS B 410 38.84 8.23 -2.83
C CYS B 410 37.93 8.70 -1.70
N HIS B 411 37.19 7.78 -1.06
CA HIS B 411 36.37 8.11 0.09
C HIS B 411 37.21 8.48 1.30
N ALA B 412 38.37 7.84 1.44
CA ALA B 412 39.10 7.85 2.70
C ALA B 412 39.32 9.26 3.29
N LEU B 413 39.77 10.22 2.50
CA LEU B 413 40.04 11.55 3.06
C LEU B 413 38.97 12.58 2.65
N MET B 414 37.78 12.09 2.24
CA MET B 414 36.59 12.91 2.17
C MET B 414 36.06 13.11 3.58
N PRO B 415 35.06 13.97 3.82
CA PRO B 415 34.61 14.20 5.20
C PRO B 415 34.08 12.91 5.85
N MET B 416 33.49 12.04 5.04
CA MET B 416 32.94 10.77 5.54
C MET B 416 33.19 9.66 4.50
N MET B 417 33.17 8.42 4.98
CA MET B 417 33.50 7.25 4.17
C MET B 417 32.39 6.23 4.38
N GLN B 418 31.79 5.69 3.30
CA GLN B 418 30.65 4.80 3.48
C GLN B 418 30.81 3.52 2.65
N PHE B 419 30.75 2.37 3.36
CA PHE B 419 30.74 1.08 2.70
C PHE B 419 29.30 0.55 2.55
N SER B 420 29.08 -0.28 1.53
CA SER B 420 27.91 -1.14 1.52
C SER B 420 28.28 -2.57 1.08
N VAL B 421 28.67 -2.74 -0.21
CA VAL B 421 29.15 -4.01 -0.69
C VAL B 421 30.31 -4.45 0.20
N ALA B 422 30.31 -5.75 0.55
CA ALA B 422 31.25 -6.29 1.53
C ALA B 422 32.63 -6.51 0.89
N PRO B 423 33.70 -5.73 1.25
CA PRO B 423 35.01 -5.89 0.61
C PRO B 423 35.58 -7.30 0.73
N TRP B 424 35.34 -7.95 1.90
CA TRP B 424 35.77 -9.33 2.13
C TRP B 424 35.05 -10.31 1.20
N ARG B 425 33.83 -10.01 0.72
CA ARG B 425 33.17 -10.98 -0.13
C ARG B 425 33.64 -10.88 -1.59
N VAL B 426 33.98 -9.68 -2.06
CA VAL B 426 34.13 -9.45 -3.51
C VAL B 426 35.58 -9.20 -3.89
N LEU B 427 36.49 -9.07 -2.92
CA LEU B 427 37.86 -8.71 -3.21
C LEU B 427 38.80 -9.85 -2.82
N ASP B 428 39.82 -10.09 -3.66
CA ASP B 428 40.90 -11.02 -3.36
C ASP B 428 41.79 -10.36 -2.30
N SER B 429 42.81 -11.10 -1.84
CA SER B 429 43.45 -10.75 -0.58
C SER B 429 44.20 -9.41 -0.69
N SER B 430 44.85 -9.11 -1.82
CA SER B 430 45.66 -7.89 -1.83
C SER B 430 44.78 -6.64 -2.04
N GLN B 431 43.68 -6.79 -2.81
CA GLN B 431 42.70 -5.74 -2.95
C GLN B 431 42.03 -5.45 -1.61
N LEU B 432 41.67 -6.49 -0.87
CA LEU B 432 41.13 -6.28 0.45
C LEU B 432 42.11 -5.53 1.33
N GLN B 433 43.39 -5.96 1.32
CA GLN B 433 44.39 -5.29 2.12
C GLN B 433 44.43 -3.80 1.74
N ALA B 434 44.36 -3.49 0.43
CA ALA B 434 44.46 -2.11 -0.01
C ALA B 434 43.31 -1.28 0.57
N VAL B 435 42.11 -1.88 0.62
CA VAL B 435 40.97 -1.19 1.19
C VAL B 435 41.21 -0.93 2.69
N LYS B 436 41.71 -1.94 3.40
CA LYS B 436 42.02 -1.78 4.81
C LYS B 436 43.05 -0.66 5.01
N ASN B 437 43.98 -0.51 4.05
CA ASN B 437 45.03 0.49 4.14
C ASN B 437 44.44 1.88 3.97
N ALA B 438 43.43 1.98 3.11
CA ALA B 438 42.71 3.23 2.95
C ALA B 438 42.05 3.63 4.28
N VAL B 439 41.44 2.65 4.94
CA VAL B 439 40.80 2.90 6.22
C VAL B 439 41.84 3.35 7.23
N ALA B 440 43.01 2.69 7.22
CA ALA B 440 44.08 3.10 8.13
C ALA B 440 44.54 4.53 7.87
N LEU B 441 44.68 4.92 6.60
CA LEU B 441 45.10 6.28 6.27
C LEU B 441 44.07 7.28 6.83
N ARG B 442 42.76 6.99 6.68
CA ARG B 442 41.70 7.81 7.26
C ARG B 442 41.88 7.94 8.77
N ARG B 443 42.16 6.80 9.45
CA ARG B 443 42.38 6.85 10.88
C ARG B 443 43.56 7.78 11.21
N GLN B 444 44.67 7.68 10.48
CA GLN B 444 45.85 8.52 10.71
C GLN B 444 45.47 10.00 10.51
N MET B 445 44.60 10.30 9.52
CA MET B 445 44.27 11.69 9.18
C MET B 445 43.05 12.23 9.93
N LEU B 446 42.39 11.40 10.74
CA LEU B 446 41.12 11.79 11.33
C LEU B 446 41.26 13.09 12.15
N PRO B 447 42.32 13.36 12.93
CA PRO B 447 42.38 14.61 13.69
C PRO B 447 42.28 15.82 12.78
N GLU B 448 42.79 15.70 11.55
CA GLU B 448 42.76 16.78 10.59
C GLU B 448 41.31 16.92 10.06
N ILE B 449 40.69 15.80 9.73
CA ILE B 449 39.33 15.80 9.23
C ILE B 449 38.44 16.42 10.30
N MET B 450 38.60 15.98 11.55
CA MET B 450 37.73 16.51 12.59
C MET B 450 37.97 17.99 12.90
N LYS B 451 39.22 18.45 12.79
CA LYS B 451 39.53 19.87 13.00
C LYS B 451 38.67 20.72 12.05
N TYR B 452 38.70 20.35 10.78
CA TYR B 452 38.06 21.11 9.74
C TYR B 452 36.54 20.87 9.73
N THR B 453 36.09 19.67 10.14
CA THR B 453 34.66 19.40 10.32
C THR B 453 34.09 20.30 11.40
N ARG B 454 34.77 20.38 12.55
CA ARG B 454 34.27 21.20 13.64
C ARG B 454 34.23 22.68 13.24
N GLU B 455 35.23 23.08 12.42
CA GLU B 455 35.34 24.45 11.94
C GLU B 455 34.19 24.72 10.95
N ALA B 456 33.86 23.74 10.08
CA ALA B 456 32.77 23.92 9.13
C ALA B 456 31.45 24.21 9.87
N ALA B 457 31.22 23.58 11.05
CA ALA B 457 30.04 23.89 11.85
C ALA B 457 29.95 25.40 12.13
N VAL B 458 31.11 26.03 12.36
CA VAL B 458 31.15 27.40 12.85
C VAL B 458 31.12 28.38 11.70
N THR B 459 31.90 28.15 10.63
CA THR B 459 32.08 29.13 9.57
C THR B 459 31.48 28.70 8.23
N GLY B 460 31.10 27.43 8.14
CA GLY B 460 30.57 26.85 6.92
C GLY B 460 31.65 26.57 5.89
N MET B 461 32.91 26.84 6.24
CA MET B 461 33.94 26.64 5.27
C MET B 461 34.06 25.13 5.02
N PRO B 462 34.13 24.70 3.77
CA PRO B 462 34.16 23.29 3.45
C PRO B 462 35.35 22.53 4.02
N VAL B 463 35.08 21.24 4.27
CA VAL B 463 36.07 20.26 4.71
C VAL B 463 36.86 19.80 3.49
N LEU B 464 36.16 19.33 2.47
CA LEU B 464 36.77 19.05 1.19
C LEU B 464 36.65 20.27 0.26
N ARG B 465 37.79 20.83 -0.16
CA ARG B 465 37.80 22.07 -0.93
C ARG B 465 38.31 21.78 -2.32
N SER B 466 37.78 22.44 -3.34
CA SER B 466 38.34 22.31 -4.68
C SER B 466 39.70 22.96 -4.74
N MET B 467 40.47 22.57 -5.74
CA MET B 467 41.76 23.22 -5.94
C MET B 467 41.62 24.74 -6.18
N GLU B 468 40.55 25.15 -6.88
CA GLU B 468 40.29 26.54 -7.20
C GLU B 468 39.97 27.34 -5.94
N PHE B 469 39.25 26.73 -5.02
CA PHE B 469 38.89 27.34 -3.75
C PHE B 469 40.13 27.74 -2.97
N VAL B 470 41.12 26.86 -2.85
CA VAL B 470 42.30 27.13 -2.05
C VAL B 470 43.35 27.85 -2.87
N PHE B 471 43.42 27.59 -4.19
CA PHE B 471 44.47 28.13 -5.04
C PHE B 471 43.87 28.87 -6.22
N PRO B 472 43.23 30.05 -5.98
CA PRO B 472 42.55 30.76 -7.06
C PRO B 472 43.52 31.25 -8.14
N HIS B 473 43.01 31.26 -9.38
CA HIS B 473 43.71 31.93 -10.47
C HIS B 473 45.12 31.38 -10.58
N GLN B 474 45.23 30.04 -10.48
CA GLN B 474 46.53 29.36 -10.61
C GLN B 474 46.41 28.18 -11.58
N GLY B 475 45.40 28.22 -12.43
CA GLY B 475 45.21 27.23 -13.47
C GLY B 475 44.48 25.98 -13.00
N PHE B 476 43.80 26.04 -11.85
CA PHE B 476 43.16 24.85 -11.28
C PHE B 476 41.64 24.76 -11.51
N GLU B 477 41.08 25.65 -12.34
CA GLU B 477 39.64 25.76 -12.57
C GLU B 477 39.02 24.45 -13.00
N ARG B 478 39.76 23.63 -13.76
CA ARG B 478 39.25 22.40 -14.33
C ARG B 478 39.95 21.16 -13.74
N VAL B 479 40.72 21.34 -12.68
CA VAL B 479 41.32 20.21 -11.97
C VAL B 479 40.32 19.64 -10.96
N GLU B 480 39.79 18.44 -11.29
CA GLU B 480 38.67 17.81 -10.59
C GLU B 480 38.98 16.39 -10.12
N ASP B 481 40.24 15.97 -10.27
CA ASP B 481 40.76 14.73 -9.72
C ASP B 481 41.73 15.01 -8.58
N GLN B 482 41.68 16.19 -7.99
CA GLN B 482 42.47 16.50 -6.81
C GLN B 482 41.55 17.30 -5.89
N PHE B 483 41.76 17.19 -4.58
CA PHE B 483 41.07 18.09 -3.68
C PHE B 483 41.96 18.45 -2.50
N MET B 484 41.57 19.51 -1.78
CA MET B 484 42.26 19.85 -0.55
C MET B 484 41.43 19.44 0.66
N LEU B 485 42.07 18.74 1.59
CA LEU B 485 41.49 18.50 2.89
C LEU B 485 41.95 19.63 3.77
N GLY B 486 41.05 20.56 4.09
CA GLY B 486 41.42 21.82 4.72
C GLY B 486 42.39 22.59 3.82
N ASP B 487 43.37 23.23 4.43
CA ASP B 487 44.27 24.14 3.73
C ASP B 487 45.59 23.47 3.36
N ASN B 488 45.94 22.34 4.01
CA ASN B 488 47.32 21.89 4.02
C ASN B 488 47.55 20.51 3.41
N TYR B 489 46.50 19.73 3.11
CA TYR B 489 46.71 18.42 2.52
C TYR B 489 46.07 18.36 1.13
N LEU B 490 46.91 18.11 0.12
CA LEU B 490 46.47 17.93 -1.26
C LEU B 490 46.33 16.42 -1.51
N VAL B 491 45.11 15.96 -1.81
CA VAL B 491 44.86 14.55 -2.07
C VAL B 491 44.60 14.37 -3.57
N ALA B 492 45.23 13.35 -4.18
CA ALA B 492 45.10 13.11 -5.62
C ALA B 492 44.81 11.63 -5.85
N PRO B 493 43.63 11.11 -5.46
CA PRO B 493 43.31 9.68 -5.63
C PRO B 493 43.57 9.24 -7.07
N VAL B 494 43.98 7.97 -7.21
CA VAL B 494 44.13 7.38 -8.52
C VAL B 494 42.74 7.00 -8.97
N LEU B 495 42.32 7.52 -10.13
CA LEU B 495 40.97 7.32 -10.62
C LEU B 495 41.00 6.90 -12.08
N GLU B 496 42.09 6.25 -12.49
CA GLU B 496 41.98 5.38 -13.65
C GLU B 496 43.01 4.27 -13.57
N LYS B 497 42.86 3.31 -14.46
CA LYS B 497 43.79 2.22 -14.61
C LYS B 497 45.15 2.77 -15.07
N GLY B 498 46.24 2.08 -14.71
CA GLY B 498 47.58 2.47 -15.15
C GLY B 498 48.58 2.56 -13.99
N SER B 499 49.87 2.69 -14.29
CA SER B 499 50.87 2.76 -13.24
C SER B 499 51.42 4.18 -13.10
N VAL B 500 50.76 5.15 -13.76
CA VAL B 500 51.22 6.52 -13.81
C VAL B 500 50.08 7.45 -13.41
N ARG B 501 50.38 8.44 -12.60
CA ARG B 501 49.43 9.42 -12.14
C ARG B 501 50.09 10.78 -12.26
N LYS B 502 49.40 11.74 -12.88
CA LYS B 502 49.92 13.09 -13.00
C LYS B 502 49.28 13.91 -11.90
N ILE B 503 50.09 14.75 -11.24
CA ILE B 503 49.62 15.61 -10.17
C ILE B 503 50.11 17.03 -10.36
N LYS B 504 49.16 17.98 -10.41
CA LYS B 504 49.47 19.38 -10.62
C LYS B 504 49.61 20.01 -9.24
N LEU B 505 50.84 20.47 -8.93
CA LEU B 505 51.10 21.05 -7.62
C LEU B 505 51.04 22.57 -7.67
N PRO B 506 50.31 23.23 -6.76
CA PRO B 506 50.38 24.69 -6.67
C PRO B 506 51.78 25.13 -6.27
N LYS B 507 52.11 26.43 -6.47
CA LYS B 507 53.35 26.97 -5.97
C LYS B 507 53.41 26.71 -4.47
N GLY B 508 54.64 26.45 -4.02
CA GLY B 508 54.96 26.03 -2.67
C GLY B 508 55.69 24.70 -2.72
N ARG B 509 56.13 24.21 -1.58
CA ARG B 509 56.74 22.89 -1.54
C ARG B 509 55.74 21.93 -0.88
N TRP B 510 55.77 20.71 -1.39
CA TRP B 510 54.82 19.70 -0.98
C TRP B 510 55.59 18.43 -0.63
N GLN B 511 55.23 17.82 0.48
CA GLN B 511 55.83 16.59 0.94
C GLN B 511 54.78 15.48 0.92
N GLU B 512 55.07 14.43 0.13
CA GLU B 512 54.18 13.26 0.05
C GLU B 512 54.27 12.52 1.40
N ILE B 513 53.13 12.29 2.03
CA ILE B 513 53.09 11.89 3.43
C ILE B 513 53.54 10.43 3.63
N GLN B 514 53.47 9.59 2.59
CA GLN B 514 53.94 8.20 2.63
C GLN B 514 55.43 8.13 2.30
N SER B 515 55.85 8.57 1.11
CA SER B 515 57.24 8.50 0.67
C SER B 515 58.11 9.47 1.47
N GLY B 516 57.56 10.58 1.97
CA GLY B 516 58.38 11.58 2.62
C GLY B 516 59.15 12.44 1.62
N LYS B 517 58.98 12.19 0.31
CA LYS B 517 59.71 12.95 -0.69
C LYS B 517 59.14 14.38 -0.79
N VAL B 518 60.06 15.37 -0.89
CA VAL B 518 59.65 16.77 -0.98
C VAL B 518 59.72 17.20 -2.44
N TYR B 519 58.65 17.85 -2.94
CA TYR B 519 58.54 18.29 -4.32
C TYR B 519 58.40 19.81 -4.35
N ARG B 520 59.12 20.42 -5.32
CA ARG B 520 58.96 21.82 -5.65
C ARG B 520 57.62 21.99 -6.38
N GLY B 521 56.85 23.00 -5.96
CA GLY B 521 55.52 23.18 -6.50
C GLY B 521 55.54 24.00 -7.79
N GLY B 522 54.35 24.25 -8.33
CA GLY B 522 54.26 25.06 -9.52
C GLY B 522 54.60 24.26 -10.78
N GLU B 523 54.40 22.95 -10.72
CA GLU B 523 54.54 22.08 -11.87
C GLU B 523 53.62 20.85 -11.70
N THR B 524 53.55 20.11 -12.81
CA THR B 524 52.90 18.82 -12.83
C THR B 524 53.98 17.73 -12.73
N ILE B 525 53.85 16.83 -11.73
CA ILE B 525 54.74 15.67 -11.56
C ILE B 525 54.01 14.41 -12.02
N GLU B 526 54.78 13.40 -12.43
CA GLU B 526 54.29 12.05 -12.73
C GLU B 526 54.71 11.12 -11.60
N LEU B 527 53.79 10.35 -11.00
CA LEU B 527 54.12 9.46 -9.90
C LEU B 527 53.87 8.02 -10.38
N LYS B 528 54.81 7.09 -10.10
CA LYS B 528 54.54 5.67 -10.29
C LYS B 528 53.59 5.21 -9.17
N VAL B 529 52.51 4.49 -9.55
CA VAL B 529 51.50 4.03 -8.59
C VAL B 529 51.26 2.53 -8.71
N THR B 530 50.90 1.99 -7.54
CA THR B 530 50.44 0.63 -7.44
C THR B 530 49.02 0.68 -6.90
N LEU B 531 48.43 -0.47 -6.77
CA LEU B 531 47.06 -0.58 -6.30
C LEU B 531 46.89 0.06 -4.92
N ASN B 532 47.97 0.16 -4.17
CA ASN B 532 47.94 0.63 -2.80
C ASN B 532 48.19 2.14 -2.69
N THR B 533 48.60 2.81 -3.78
CA THR B 533 48.96 4.22 -3.68
C THR B 533 47.73 5.11 -3.54
N ILE B 534 47.83 6.04 -2.59
CA ILE B 534 46.83 7.08 -2.35
C ILE B 534 47.56 8.41 -2.21
N PRO B 535 47.95 9.05 -3.32
CA PRO B 535 48.86 10.20 -3.25
C PRO B 535 48.26 11.32 -2.41
N CYS B 536 49.05 11.83 -1.48
CA CYS B 536 48.59 12.88 -0.58
C CYS B 536 49.80 13.65 -0.12
N PHE B 537 49.74 14.98 -0.17
CA PHE B 537 50.90 15.81 0.05
C PHE B 537 50.57 16.88 1.08
N LYS B 538 51.51 17.08 1.99
CA LYS B 538 51.45 18.10 3.02
C LYS B 538 52.16 19.35 2.50
N ARG B 539 51.48 20.47 2.62
CA ARG B 539 52.03 21.75 2.31
C ARG B 539 53.11 22.08 3.32
N THR B 540 54.34 22.31 2.83
CA THR B 540 55.49 22.55 3.70
C THR B 540 56.01 23.97 3.48
N THR B 541 55.91 24.46 2.24
CA THR B 541 55.76 25.89 1.93
C THR B 541 54.37 26.13 1.28
#